data_5OBP
#
_entry.id   5OBP
#
_cell.length_a   73.565
_cell.length_b   73.565
_cell.length_c   184.677
_cell.angle_alpha   90.00
_cell.angle_beta   90.00
_cell.angle_gamma   90.00
#
_symmetry.space_group_name_H-M   'P 41'
#
loop_
_entity.id
_entity.type
_entity.pdbx_description
1 polymer 'Tetrachloroethene reductive dehalogenase catalytically active subunit'
2 non-polymer 'IRON/SULFUR CLUSTER'
3 non-polymer 6-hydroxybenzimidazolyl-norcobamide
4 non-polymer BENZAMIDINE
5 non-polymer GLYCEROL
6 water water
#
_entity_poly.entity_id   1
_entity_poly.type   'polypeptide(L)'
_entity_poly.pdbx_seq_one_letter_code
;AEKEKNAAEIRQQFAMTAGSPIIVNDKLERYAEVRTAFTHPTSFFKPNYKGEVKPWFLSAYDEKVRQIENGENGPKMKAK
NVGEARAGRALEAAGWTLDINYGNIYPNRFFMLWSGETMTNTQLWAPVGLDRRPPDTTDPVELTNYVKFAARMAGADLVG
VARLNRNWVYSEAVTIPADVPYEQSLHKEIEKPIVFKDVPLPIETDDELIIPNTCENVIVAGIAMNREMMQTAPNSMACA
TTAFCYSRMCMFDMWLCQFIRYMGYYAIPSCNGVGQSVAFAVEAGLGQASRMGACITPEFGPNVRLTKVFTNMPLVPDKP
IDFGVTEFCETCKKCARECPSKAITEGPRTFEGRSIHNQSGKLQWQNDYNKCLGYWPESGGYCGVCVAVCPFTKGNIWIH
DGVEWLIDNTRFLDPLMLGMDDALGYGAKRNITEVWDGKINTYGLDADHFRDTVSFRKDRVKKS
;
_entity_poly.pdbx_strand_id   A,B
#
loop_
_chem_comp.id
_chem_comp.type
_chem_comp.name
_chem_comp.formula
9QQ non-polymer 6-hydroxybenzimidazolyl-norcobamide 'C59 H83 Co N13 O15 P 3'
BEN non-polymer BENZAMIDINE 'C7 H8 N2'
GOL non-polymer GLYCEROL 'C3 H8 O3'
SF4 non-polymer 'IRON/SULFUR CLUSTER' 'Fe4 S4'
#
# COMPACT_ATOMS: atom_id res chain seq x y z
N ALA A 1 2.16 -39.38 5.55
CA ALA A 1 2.02 -38.30 4.57
C ALA A 1 2.49 -36.96 5.14
N GLU A 2 2.83 -36.02 4.26
CA GLU A 2 3.34 -34.74 4.70
C GLU A 2 2.27 -33.96 5.45
N LYS A 3 2.60 -33.51 6.65
CA LYS A 3 1.67 -32.69 7.42
C LYS A 3 1.52 -31.33 6.76
N GLU A 4 0.27 -30.90 6.60
CA GLU A 4 -0.02 -29.57 6.08
C GLU A 4 0.58 -28.51 6.98
N LYS A 5 1.38 -27.61 6.40
CA LYS A 5 2.06 -26.61 7.20
C LYS A 5 1.07 -25.73 7.96
N ASN A 6 1.38 -25.47 9.23
CA ASN A 6 0.53 -24.68 10.11
C ASN A 6 1.43 -23.66 10.80
N ALA A 7 1.44 -22.43 10.27
CA ALA A 7 2.30 -21.38 10.81
C ALA A 7 1.89 -21.00 12.23
N ALA A 8 0.58 -21.03 12.50
CA ALA A 8 0.09 -20.72 13.84
C ALA A 8 0.57 -21.75 14.85
N GLU A 9 0.53 -23.03 14.48
CA GLU A 9 1.02 -24.10 15.34
C GLU A 9 2.52 -23.96 15.59
N ILE A 10 3.27 -23.59 14.55
CA ILE A 10 4.71 -23.36 14.72
C ILE A 10 4.96 -22.27 15.75
N ARG A 11 4.24 -21.14 15.63
CA ARG A 11 4.46 -20.06 16.58
C ARG A 11 4.06 -20.48 18.00
N GLN A 12 3.00 -21.26 18.17
CA GLN A 12 2.65 -21.66 19.53
C GLN A 12 3.69 -22.61 20.09
N GLN A 13 4.27 -23.47 19.26
CA GLN A 13 5.25 -24.43 19.74
C GLN A 13 6.49 -23.75 20.33
N PHE A 14 6.92 -22.65 19.72
CA PHE A 14 8.15 -21.98 20.12
C PHE A 14 7.91 -20.73 20.97
N ALA A 15 6.71 -20.55 21.49
CA ALA A 15 6.44 -19.38 22.32
C ALA A 15 7.18 -19.49 23.64
N MET A 16 7.74 -18.37 24.09
N MET A 16 7.70 -18.37 24.12
CA MET A 16 8.46 -18.23 25.35
CA MET A 16 8.43 -18.31 25.37
C MET A 16 7.52 -17.70 26.44
C MET A 16 7.63 -17.55 26.43
N THR A 17 8.00 -17.75 27.68
CA THR A 17 7.35 -17.02 28.76
C THR A 17 7.70 -15.53 28.66
N ALA A 18 6.93 -14.72 29.35
CA ALA A 18 7.07 -13.27 29.23
C ALA A 18 8.45 -12.81 29.69
N GLY A 19 8.95 -11.75 29.07
CA GLY A 19 10.24 -11.19 29.41
C GLY A 19 11.04 -10.80 28.19
N SER A 20 11.60 -9.59 28.17
CA SER A 20 12.41 -9.18 27.04
C SER A 20 13.58 -10.15 26.84
N PRO A 21 13.75 -10.70 25.63
CA PRO A 21 14.85 -11.65 25.39
C PRO A 21 16.22 -11.01 25.29
N ILE A 22 16.30 -9.69 25.16
CA ILE A 22 17.58 -9.03 24.89
C ILE A 22 18.34 -8.88 26.21
N ILE A 23 19.55 -9.42 26.24
CA ILE A 23 20.38 -9.41 27.44
C ILE A 23 21.19 -8.12 27.45
N VAL A 24 21.18 -7.42 28.58
CA VAL A 24 21.83 -6.12 28.68
C VAL A 24 22.66 -6.08 29.95
N ASN A 25 23.55 -5.09 30.03
CA ASN A 25 24.29 -4.84 31.26
C ASN A 25 24.19 -3.35 31.59
N ASP A 26 25.05 -2.91 32.50
CA ASP A 26 24.96 -1.55 33.04
C ASP A 26 25.47 -0.48 32.08
N LYS A 27 26.32 -0.83 31.13
CA LYS A 27 26.84 0.21 30.22
C LYS A 27 25.82 0.65 29.18
N LEU A 28 24.60 0.11 29.19
CA LEU A 28 23.61 0.42 28.16
C LEU A 28 23.02 1.80 28.38
N GLU A 29 23.10 2.65 27.36
CA GLU A 29 22.38 3.91 27.34
C GLU A 29 21.69 4.07 25.99
N ARG A 30 20.68 4.93 25.95
CA ARG A 30 19.95 5.12 24.70
C ARG A 30 20.88 5.71 23.65
N TYR A 31 20.58 5.42 22.39
CA TYR A 31 21.48 5.62 21.26
C TYR A 31 21.02 6.79 20.42
N ALA A 32 21.93 7.72 20.12
CA ALA A 32 21.57 8.88 19.30
C ALA A 32 21.54 8.48 17.83
N GLU A 33 20.41 8.75 17.17
CA GLU A 33 20.17 8.28 15.80
C GLU A 33 21.26 8.76 14.83
N VAL A 34 21.88 9.90 15.09
CA VAL A 34 22.92 10.41 14.20
C VAL A 34 24.09 9.45 14.09
N ARG A 35 24.21 8.51 15.03
CA ARG A 35 25.33 7.57 15.02
C ARG A 35 25.19 6.50 13.94
N THR A 36 24.03 6.34 13.31
CA THR A 36 23.88 5.30 12.29
C THR A 36 24.78 5.62 11.11
N ALA A 37 25.18 4.57 10.37
CA ALA A 37 26.14 4.79 9.29
C ALA A 37 25.57 5.73 8.23
N PHE A 38 24.24 5.75 8.06
CA PHE A 38 23.63 6.63 7.06
C PHE A 38 23.85 8.10 7.36
N THR A 39 23.98 8.46 8.63
CA THR A 39 23.97 9.85 9.03
C THR A 39 25.27 10.33 9.66
N HIS A 40 26.08 9.44 10.22
CA HIS A 40 27.24 9.90 10.96
C HIS A 40 28.29 10.47 10.01
N PRO A 41 28.94 11.58 10.37
CA PRO A 41 29.94 12.15 9.46
C PRO A 41 31.10 11.19 9.16
N THR A 42 31.37 10.22 10.02
CA THR A 42 32.48 9.30 9.74
C THR A 42 32.16 8.36 8.59
N SER A 43 30.89 8.13 8.27
CA SER A 43 30.48 7.13 7.30
C SER A 43 29.60 7.68 6.19
N PHE A 44 29.05 8.88 6.36
CA PHE A 44 28.09 9.42 5.40
C PHE A 44 28.72 9.63 4.03
N PHE A 45 30.01 9.91 3.97
CA PHE A 45 30.71 10.21 2.73
C PHE A 45 31.42 8.96 2.22
N LYS A 46 31.27 8.70 0.93
CA LYS A 46 31.91 7.55 0.29
C LYS A 46 32.38 7.95 -1.09
N PRO A 47 33.49 7.40 -1.56
CA PRO A 47 33.95 7.72 -2.92
C PRO A 47 33.08 7.05 -3.97
N ASN A 48 32.94 7.71 -5.11
CA ASN A 48 32.30 7.09 -6.25
C ASN A 48 33.35 6.31 -7.03
N TYR A 49 33.01 5.81 -8.22
CA TYR A 49 33.96 4.97 -8.95
C TYR A 49 35.09 5.76 -9.58
N LYS A 50 34.98 7.09 -9.62
CA LYS A 50 36.07 7.94 -10.05
C LYS A 50 36.87 8.48 -8.87
N GLY A 51 36.59 8.03 -7.66
CA GLY A 51 37.31 8.49 -6.49
C GLY A 51 36.81 9.79 -5.88
N GLU A 52 35.74 10.37 -6.41
CA GLU A 52 35.18 11.59 -5.83
C GLU A 52 34.37 11.25 -4.58
N VAL A 53 34.64 11.97 -3.50
CA VAL A 53 33.96 11.74 -2.24
C VAL A 53 32.65 12.52 -2.24
N LYS A 54 31.56 11.84 -1.92
CA LYS A 54 30.22 12.40 -2.03
C LYS A 54 29.37 11.78 -0.93
N PRO A 55 28.20 12.36 -0.65
CA PRO A 55 27.20 11.63 0.13
C PRO A 55 26.99 10.26 -0.48
N TRP A 56 26.84 9.25 0.38
CA TRP A 56 26.86 7.86 -0.08
C TRP A 56 25.86 7.62 -1.20
N PHE A 57 24.66 8.21 -1.12
CA PHE A 57 23.66 7.87 -2.12
C PHE A 57 23.93 8.53 -3.47
N LEU A 58 24.64 9.65 -3.49
CA LEU A 58 25.04 10.27 -4.75
C LEU A 58 26.13 9.47 -5.45
N SER A 59 27.10 8.96 -4.69
CA SER A 59 28.08 8.06 -5.29
C SER A 59 27.39 6.80 -5.82
N ALA A 60 26.39 6.30 -5.11
CA ALA A 60 25.67 5.14 -5.60
C ALA A 60 24.89 5.46 -6.86
N TYR A 61 24.32 6.67 -6.95
CA TYR A 61 23.67 7.12 -8.18
C TYR A 61 24.64 7.07 -9.35
N ASP A 62 25.88 7.53 -9.14
CA ASP A 62 26.86 7.54 -10.22
C ASP A 62 27.05 6.13 -10.76
N GLU A 63 27.03 5.13 -9.88
CA GLU A 63 27.21 3.75 -10.31
C GLU A 63 25.97 3.20 -11.03
N LYS A 64 24.76 3.57 -10.56
CA LYS A 64 23.57 3.15 -11.30
C LYS A 64 23.60 3.68 -12.73
N VAL A 65 24.00 4.94 -12.90
CA VAL A 65 24.06 5.54 -14.23
C VAL A 65 25.08 4.79 -15.09
N ARG A 66 26.26 4.54 -14.53
CA ARG A 66 27.29 3.80 -15.25
C ARG A 66 26.80 2.42 -15.66
N GLN A 67 26.09 1.71 -14.77
CA GLN A 67 25.63 0.37 -15.12
C GLN A 67 24.60 0.40 -16.24
N ILE A 68 23.64 1.33 -16.18
CA ILE A 68 22.67 1.43 -17.27
C ILE A 68 23.38 1.68 -18.59
N GLU A 69 24.32 2.64 -18.60
CA GLU A 69 25.05 2.95 -19.82
C GLU A 69 25.78 1.72 -20.35
N ASN A 70 26.25 0.85 -19.46
CA ASN A 70 27.01 -0.32 -19.85
C ASN A 70 26.14 -1.58 -19.93
N GLY A 71 24.82 -1.43 -19.84
CA GLY A 71 23.96 -2.60 -19.96
C GLY A 71 24.14 -3.61 -18.85
N GLU A 72 24.27 -3.13 -17.61
CA GLU A 72 24.48 -3.99 -16.45
C GLU A 72 23.36 -3.83 -15.42
N ASN A 73 23.01 -4.93 -14.75
CA ASN A 73 22.04 -4.96 -13.67
C ASN A 73 22.67 -4.87 -12.30
N GLY A 74 24.00 -4.88 -12.21
CA GLY A 74 24.68 -4.86 -10.94
C GLY A 74 26.16 -4.88 -11.20
N PRO A 75 26.96 -4.93 -10.13
CA PRO A 75 28.42 -4.90 -10.31
C PRO A 75 28.91 -6.15 -11.03
N LYS A 76 29.50 -5.94 -12.21
CA LYS A 76 30.02 -7.02 -13.04
C LYS A 76 28.92 -8.01 -13.44
N MET A 77 27.66 -7.56 -13.45
CA MET A 77 26.54 -8.40 -13.83
C MET A 77 25.90 -7.81 -15.08
N LYS A 78 26.17 -8.42 -16.23
CA LYS A 78 25.59 -7.95 -17.48
C LYS A 78 24.10 -8.21 -17.51
N ALA A 79 23.35 -7.23 -18.01
CA ALA A 79 21.93 -7.38 -18.30
C ALA A 79 21.72 -7.95 -19.70
N LYS A 80 20.48 -8.32 -20.01
CA LYS A 80 20.17 -8.75 -21.37
C LYS A 80 20.48 -7.66 -22.39
N ASN A 81 20.14 -6.42 -22.07
CA ASN A 81 20.44 -5.26 -22.89
C ASN A 81 20.29 -4.02 -22.03
N VAL A 82 20.54 -2.85 -22.63
CA VAL A 82 20.45 -1.60 -21.88
C VAL A 82 19.03 -1.35 -21.41
N GLY A 83 18.05 -1.73 -22.23
CA GLY A 83 16.66 -1.54 -21.85
C GLY A 83 16.31 -2.29 -20.57
N GLU A 84 16.83 -3.51 -20.42
CA GLU A 84 16.57 -4.26 -19.19
C GLU A 84 17.22 -3.59 -17.99
N ALA A 85 18.47 -3.14 -18.15
CA ALA A 85 19.14 -2.43 -17.06
C ALA A 85 18.35 -1.20 -16.65
N ARG A 86 17.89 -0.42 -17.63
CA ARG A 86 17.06 0.75 -17.36
C ARG A 86 15.79 0.37 -16.61
N ALA A 87 15.12 -0.71 -17.01
CA ALA A 87 13.85 -1.08 -16.40
C ALA A 87 14.01 -1.40 -14.92
N GLY A 88 15.10 -2.07 -14.55
CA GLY A 88 15.32 -2.41 -13.15
C GLY A 88 15.51 -1.19 -12.28
N ARG A 89 16.23 -0.18 -12.78
CA ARG A 89 16.41 1.04 -12.02
C ARG A 89 15.14 1.89 -12.02
N ALA A 90 14.35 1.85 -13.10
CA ALA A 90 13.06 2.55 -13.08
C ALA A 90 12.13 1.94 -12.05
N LEU A 91 12.15 0.61 -11.94
CA LEU A 91 11.31 -0.06 -10.95
C LEU A 91 11.76 0.28 -9.54
N GLU A 92 13.06 0.21 -9.29
CA GLU A 92 13.63 0.60 -8.00
C GLU A 92 13.24 2.03 -7.63
N ALA A 93 13.47 2.98 -8.54
CA ALA A 93 13.18 4.38 -8.21
C ALA A 93 11.71 4.58 -7.89
N ALA A 94 10.82 4.02 -8.70
CA ALA A 94 9.40 4.17 -8.48
C ALA A 94 8.98 3.58 -7.13
N GLY A 95 9.62 2.50 -6.68
CA GLY A 95 9.21 1.87 -5.44
C GLY A 95 9.23 2.82 -4.26
N TRP A 96 10.15 3.79 -4.27
CA TRP A 96 10.36 4.74 -3.19
C TRP A 96 9.36 5.89 -3.18
N THR A 97 8.30 5.84 -3.99
CA THR A 97 7.41 6.99 -4.16
C THR A 97 6.92 7.57 -2.82
N LEU A 98 6.56 6.72 -1.86
CA LEU A 98 5.95 7.19 -0.60
C LEU A 98 6.94 7.18 0.56
N ASP A 99 8.20 7.49 0.28
CA ASP A 99 9.24 7.48 1.30
C ASP A 99 10.13 8.71 1.14
N ILE A 100 10.45 9.36 2.26
CA ILE A 100 11.26 10.58 2.25
C ILE A 100 12.72 10.23 2.60
N ASN A 101 13.63 10.59 1.70
CA ASN A 101 15.09 10.54 1.93
C ASN A 101 15.55 9.20 2.51
N TYR A 102 15.07 8.11 1.92
CA TYR A 102 15.50 6.75 2.23
C TYR A 102 15.28 6.41 3.70
N GLY A 103 14.01 6.46 4.11
CA GLY A 103 13.61 5.84 5.36
C GLY A 103 12.53 6.51 6.20
N ASN A 104 12.08 7.71 5.81
CA ASN A 104 11.06 8.44 6.56
C ASN A 104 11.48 8.66 8.01
N ILE A 105 12.76 8.99 8.23
CA ILE A 105 13.21 8.99 9.63
C ILE A 105 12.83 10.26 10.40
N TYR A 106 12.64 11.41 9.74
CA TYR A 106 12.35 12.65 10.47
C TYR A 106 11.01 12.54 11.20
N PRO A 107 10.99 12.60 12.52
CA PRO A 107 9.71 12.48 13.23
C PRO A 107 8.84 13.72 13.05
N ASN A 108 7.54 13.50 12.91
CA ASN A 108 6.56 14.59 12.85
C ASN A 108 6.82 15.51 11.66
N ARG A 109 7.34 14.93 10.57
CA ARG A 109 7.51 15.62 9.30
C ARG A 109 6.90 14.78 8.19
N PHE A 110 6.42 15.45 7.15
CA PHE A 110 5.96 14.82 5.91
C PHE A 110 4.92 13.76 6.19
N PHE A 111 5.22 12.47 5.94
CA PHE A 111 4.25 11.41 6.19
C PHE A 111 4.17 10.99 7.66
N MET A 112 5.17 11.33 8.47
CA MET A 112 5.30 10.80 9.83
C MET A 112 4.69 11.73 10.88
N LEU A 113 3.52 12.31 10.62
CA LEU A 113 2.98 13.27 11.58
C LEU A 113 2.55 12.58 12.87
N TRP A 114 2.85 13.23 14.01
CA TRP A 114 2.54 12.69 15.32
C TRP A 114 1.11 13.00 15.76
N SER A 115 0.43 13.89 15.06
CA SER A 115 -1.00 14.13 15.23
C SER A 115 -1.67 14.05 13.87
N GLY A 116 -2.93 13.57 13.87
CA GLY A 116 -3.65 13.53 12.62
C GLY A 116 -4.36 14.82 12.23
N GLU A 117 -4.31 15.85 13.09
CA GLU A 117 -5.21 17.00 12.97
C GLU A 117 -5.14 17.66 11.60
N THR A 118 -3.95 17.77 11.02
CA THR A 118 -3.81 18.51 9.76
C THR A 118 -3.98 17.65 8.51
N MET A 119 -4.11 16.33 8.65
CA MET A 119 -4.21 15.47 7.49
C MET A 119 -5.51 15.71 6.73
N THR A 120 -5.44 15.60 5.39
CA THR A 120 -6.62 15.78 4.56
C THR A 120 -7.75 14.82 4.95
N ASN A 121 -7.40 13.56 5.27
CA ASN A 121 -8.41 12.60 5.70
C ASN A 121 -9.08 13.00 7.01
N THR A 122 -8.29 13.47 7.99
CA THR A 122 -8.85 13.89 9.27
C THR A 122 -9.79 15.08 9.09
N GLN A 123 -9.38 16.07 8.29
CA GLN A 123 -10.24 17.22 8.04
C GLN A 123 -11.56 16.80 7.38
N LEU A 124 -11.49 15.90 6.40
CA LEU A 124 -12.69 15.45 5.70
C LEU A 124 -13.68 14.79 6.67
N TRP A 125 -13.15 14.03 7.62
CA TRP A 125 -13.98 13.25 8.54
C TRP A 125 -14.32 13.97 9.83
N ALA A 126 -13.82 15.19 10.02
CA ALA A 126 -13.98 15.90 11.29
C ALA A 126 -15.42 15.96 11.80
N PRO A 127 -16.46 16.12 10.96
CA PRO A 127 -17.82 16.20 11.52
C PRO A 127 -18.27 14.95 12.27
N VAL A 128 -17.67 13.79 12.00
CA VAL A 128 -18.07 12.61 12.75
C VAL A 128 -17.48 12.62 14.17
N GLY A 129 -16.37 13.31 14.37
CA GLY A 129 -15.79 13.44 15.70
C GLY A 129 -15.08 12.20 16.22
N LEU A 130 -14.65 11.30 15.33
CA LEU A 130 -14.01 10.07 15.81
C LEU A 130 -12.71 10.34 16.54
N ASP A 131 -11.96 11.36 16.11
CA ASP A 131 -10.71 11.65 16.77
C ASP A 131 -10.89 12.50 18.02
N ARG A 132 -12.10 12.99 18.30
CA ARG A 132 -12.37 13.80 19.48
C ARG A 132 -13.17 13.09 20.56
N ARG A 133 -13.93 12.06 20.21
CA ARG A 133 -14.80 11.29 21.10
C ARG A 133 -13.96 10.36 21.96
N PRO A 134 -14.23 10.29 23.27
CA PRO A 134 -13.47 9.36 24.11
C PRO A 134 -13.65 7.94 23.65
N PRO A 135 -12.68 7.07 23.93
CA PRO A 135 -12.77 5.67 23.49
C PRO A 135 -14.05 5.00 23.97
N ASP A 136 -14.67 4.22 23.09
CA ASP A 136 -15.77 3.37 23.49
C ASP A 136 -15.32 1.98 23.91
N THR A 137 -14.07 1.63 23.68
CA THR A 137 -13.50 0.35 24.12
C THR A 137 -12.21 0.63 24.86
N THR A 138 -12.10 0.09 26.08
CA THR A 138 -10.86 0.14 26.85
C THR A 138 -10.33 -1.23 27.20
N ASP A 139 -11.08 -2.29 26.90
CA ASP A 139 -10.65 -3.66 27.15
C ASP A 139 -9.46 -4.00 26.28
N PRO A 140 -8.28 -4.28 26.86
CA PRO A 140 -7.11 -4.57 26.01
C PRO A 140 -7.32 -5.76 25.09
N VAL A 141 -8.14 -6.73 25.51
CA VAL A 141 -8.33 -7.93 24.69
C VAL A 141 -9.06 -7.59 23.39
N GLU A 142 -10.19 -6.88 23.50
CA GLU A 142 -10.90 -6.50 22.27
C GLU A 142 -10.06 -5.55 21.42
N LEU A 143 -9.34 -4.62 22.06
CA LEU A 143 -8.54 -3.67 21.31
C LEU A 143 -7.42 -4.37 20.54
N THR A 144 -6.83 -5.40 21.13
CA THR A 144 -5.77 -6.13 20.42
C THR A 144 -6.32 -6.82 19.18
N ASN A 145 -7.53 -7.39 19.29
CA ASN A 145 -8.15 -8.01 18.12
C ASN A 145 -8.48 -6.97 17.06
N TYR A 146 -9.08 -5.84 17.46
CA TYR A 146 -9.42 -4.81 16.49
C TYR A 146 -8.17 -4.25 15.80
N VAL A 147 -7.13 -3.92 16.59
CA VAL A 147 -5.99 -3.24 15.99
C VAL A 147 -5.20 -4.20 15.10
N LYS A 148 -5.19 -5.49 15.43
CA LYS A 148 -4.47 -6.43 14.58
C LYS A 148 -5.23 -6.67 13.28
N PHE A 149 -6.56 -6.74 13.34
CA PHE A 149 -7.35 -6.81 12.10
C PHE A 149 -7.06 -5.60 11.21
N ALA A 150 -7.11 -4.40 11.80
CA ALA A 150 -6.78 -3.19 11.05
C ALA A 150 -5.37 -3.26 10.46
N ALA A 151 -4.43 -3.82 11.24
CA ALA A 151 -3.05 -3.91 10.76
C ALA A 151 -2.94 -4.78 9.51
N ARG A 152 -3.69 -5.88 9.44
CA ARG A 152 -3.65 -6.72 8.25
C ARG A 152 -4.27 -6.00 7.06
N MET A 153 -5.41 -5.32 7.27
CA MET A 153 -5.96 -4.47 6.22
C MET A 153 -4.93 -3.47 5.72
N ALA A 154 -4.07 -2.97 6.61
CA ALA A 154 -3.13 -1.91 6.31
C ALA A 154 -1.84 -2.42 5.68
N GLY A 155 -1.77 -3.72 5.36
CA GLY A 155 -0.67 -4.30 4.59
C GLY A 155 0.40 -5.01 5.39
N ALA A 156 0.22 -5.18 6.70
CA ALA A 156 1.18 -5.99 7.45
C ALA A 156 0.99 -7.46 7.12
N ASP A 157 2.10 -8.16 6.89
CA ASP A 157 2.07 -9.61 6.79
C ASP A 157 2.24 -10.28 8.14
N LEU A 158 2.97 -9.64 9.07
CA LEU A 158 3.08 -10.04 10.47
C LEU A 158 2.76 -8.83 11.34
N VAL A 159 2.17 -9.08 12.51
CA VAL A 159 1.95 -8.00 13.47
C VAL A 159 2.10 -8.56 14.87
N GLY A 160 2.71 -7.77 15.76
CA GLY A 160 2.84 -8.14 17.15
C GLY A 160 2.83 -6.90 18.02
N VAL A 161 2.61 -7.11 19.33
CA VAL A 161 2.54 -6.05 20.33
C VAL A 161 3.58 -6.29 21.40
N ALA A 162 4.24 -5.23 21.85
CA ALA A 162 5.09 -5.31 23.04
C ALA A 162 4.86 -4.09 23.90
N ARG A 163 5.13 -4.21 25.19
CA ARG A 163 5.34 -3.01 26.00
C ARG A 163 6.54 -2.25 25.43
N LEU A 164 6.44 -0.93 25.43
CA LEU A 164 7.52 -0.11 24.89
C LEU A 164 8.72 -0.14 25.84
N ASN A 165 9.87 -0.62 25.34
CA ASN A 165 11.14 -0.59 26.06
C ASN A 165 11.91 0.66 25.62
N ARG A 166 12.04 1.63 26.52
CA ARG A 166 12.61 2.90 26.13
C ARG A 166 14.08 2.78 25.76
N ASN A 167 14.75 1.69 26.14
CA ASN A 167 16.15 1.50 25.78
C ASN A 167 16.37 1.54 24.28
N TRP A 168 15.36 1.21 23.49
CA TRP A 168 15.51 1.14 22.04
C TRP A 168 14.99 2.38 21.34
N VAL A 169 14.44 3.35 22.08
CA VAL A 169 14.05 4.62 21.50
C VAL A 169 15.29 5.51 21.41
N TYR A 170 15.51 6.12 20.26
CA TYR A 170 16.70 6.96 20.07
C TYR A 170 16.71 8.06 21.12
N SER A 171 17.90 8.36 21.64
CA SER A 171 18.01 9.44 22.62
C SER A 171 17.74 10.78 21.97
N GLU A 172 18.23 10.97 20.74
CA GLU A 172 17.96 12.12 19.92
C GLU A 172 17.64 11.64 18.51
N ALA A 173 16.69 12.28 17.87
CA ALA A 173 16.36 11.95 16.49
C ALA A 173 17.18 12.82 15.53
N VAL A 174 17.30 12.34 14.29
CA VAL A 174 17.71 13.18 13.17
C VAL A 174 16.43 13.73 12.54
N THR A 175 16.38 15.05 12.36
CA THR A 175 15.18 15.68 11.81
C THR A 175 15.59 16.95 11.07
N ILE A 176 14.61 17.73 10.64
CA ILE A 176 14.86 19.04 10.04
C ILE A 176 13.98 20.06 10.76
N PRO A 177 14.38 21.33 10.79
CA PRO A 177 13.51 22.35 11.39
C PRO A 177 12.18 22.42 10.67
N ALA A 178 11.15 22.83 11.40
CA ALA A 178 9.79 22.79 10.88
C ALA A 178 9.58 23.76 9.71
N ASP A 179 10.43 24.77 9.55
CA ASP A 179 10.23 25.74 8.49
C ASP A 179 11.06 25.44 7.24
N VAL A 180 11.75 24.31 7.19
CA VAL A 180 12.62 23.96 6.07
C VAL A 180 11.85 23.17 5.04
N PRO A 181 11.85 23.57 3.76
CA PRO A 181 11.12 22.83 2.73
C PRO A 181 11.92 21.62 2.27
N TYR A 182 11.23 20.73 1.54
CA TYR A 182 11.83 19.45 1.19
C TYR A 182 13.15 19.62 0.43
N GLU A 183 13.22 20.57 -0.51
CA GLU A 183 14.39 20.66 -1.37
C GLU A 183 15.67 20.97 -0.59
N GLN A 184 15.56 21.50 0.62
CA GLN A 184 16.73 21.80 1.44
C GLN A 184 16.91 20.81 2.59
N SER A 185 16.05 19.80 2.71
CA SER A 185 16.05 18.93 3.89
C SER A 185 17.41 18.26 4.11
N LEU A 186 18.03 17.74 3.04
CA LEU A 186 19.27 17.00 3.23
C LEU A 186 20.42 17.91 3.64
N HIS A 187 20.33 19.19 3.34
CA HIS A 187 21.31 20.19 3.73
C HIS A 187 21.11 20.70 5.14
N LYS A 188 19.93 20.50 5.73
CA LYS A 188 19.56 21.18 6.98
C LYS A 188 19.19 20.22 8.10
N GLU A 189 19.65 18.97 8.06
CA GLU A 189 19.32 18.04 9.13
C GLU A 189 19.94 18.48 10.45
N ILE A 190 19.21 18.25 11.54
CA ILE A 190 19.63 18.59 12.90
C ILE A 190 19.32 17.39 13.80
N GLU A 191 19.81 17.47 15.03
CA GLU A 191 19.44 16.53 16.10
C GLU A 191 18.40 17.16 17.01
N LYS A 192 17.54 16.33 17.57
CA LYS A 192 16.51 16.82 18.48
C LYS A 192 16.18 15.74 19.50
N PRO A 193 16.23 16.04 20.79
CA PRO A 193 16.00 15.00 21.81
C PRO A 193 14.58 14.46 21.76
N ILE A 194 14.47 13.15 22.03
CA ILE A 194 13.18 12.49 22.26
C ILE A 194 13.08 12.25 23.76
N VAL A 195 12.08 12.85 24.40
CA VAL A 195 11.95 12.79 25.84
C VAL A 195 10.56 12.32 26.21
N PHE A 196 10.44 11.82 27.43
CA PHE A 196 9.18 11.33 27.97
C PHE A 196 8.75 12.23 29.12
N LYS A 197 7.54 12.77 29.04
CA LYS A 197 7.05 13.72 30.02
C LYS A 197 5.58 13.46 30.32
N ASP A 198 5.12 14.02 31.44
CA ASP A 198 3.72 13.90 31.85
C ASP A 198 2.91 14.92 31.05
N VAL A 199 2.55 14.54 29.83
CA VAL A 199 1.73 15.37 28.96
C VAL A 199 0.62 14.50 28.37
N PRO A 200 -0.47 15.11 27.92
CA PRO A 200 -1.59 14.28 27.46
C PRO A 200 -1.38 13.67 26.07
N LEU A 201 -0.68 14.36 25.18
CA LEU A 201 -0.58 13.96 23.78
C LEU A 201 0.85 14.12 23.30
N PRO A 202 1.28 13.31 22.33
CA PRO A 202 2.58 13.55 21.71
C PRO A 202 2.63 14.97 21.14
N ILE A 203 3.76 15.64 21.36
CA ILE A 203 3.85 17.05 21.03
C ILE A 203 5.32 17.39 20.77
N GLU A 204 5.55 18.28 19.82
CA GLU A 204 6.90 18.73 19.49
C GLU A 204 7.00 20.21 19.83
N THR A 205 8.06 20.57 20.55
CA THR A 205 8.39 21.97 20.81
C THR A 205 9.61 22.35 20.00
N ASP A 206 10.04 23.61 20.15
CA ASP A 206 11.25 24.06 19.46
C ASP A 206 12.48 23.26 19.89
N ASP A 207 12.47 22.72 21.10
CA ASP A 207 13.63 22.04 21.66
C ASP A 207 13.52 20.52 21.73
N GLU A 208 12.31 19.95 21.77
CA GLU A 208 12.17 18.54 22.11
C GLU A 208 11.03 17.89 21.34
N LEU A 209 11.18 16.58 21.11
CA LEU A 209 10.08 15.71 20.72
C LEU A 209 9.60 15.03 21.98
N ILE A 210 8.35 15.25 22.37
CA ILE A 210 7.86 14.81 23.68
C ILE A 210 6.88 13.68 23.47
N ILE A 211 7.23 12.50 23.97
CA ILE A 211 6.34 11.34 24.00
C ILE A 211 5.71 11.26 25.38
N PRO A 212 4.40 11.11 25.50
CA PRO A 212 3.78 11.04 26.82
C PRO A 212 4.22 9.81 27.59
N ASN A 213 4.27 9.97 28.92
CA ASN A 213 4.55 8.84 29.80
C ASN A 213 3.47 7.76 29.71
N THR A 214 2.29 8.09 29.19
CA THR A 214 1.24 7.09 28.99
C THR A 214 1.47 6.22 27.76
N CYS A 215 2.52 6.48 26.99
CA CYS A 215 2.77 5.75 25.74
C CYS A 215 3.31 4.36 26.08
N GLU A 216 2.38 3.44 26.33
CA GLU A 216 2.73 2.17 26.96
C GLU A 216 3.20 1.12 25.97
N ASN A 217 2.67 1.13 24.76
CA ASN A 217 2.78 -0.02 23.87
C ASN A 217 3.41 0.35 22.53
N VAL A 218 3.97 -0.66 21.88
CA VAL A 218 4.45 -0.53 20.51
C VAL A 218 3.87 -1.68 19.69
N ILE A 219 3.32 -1.36 18.53
CA ILE A 219 2.81 -2.33 17.57
C ILE A 219 3.83 -2.47 16.45
N VAL A 220 4.32 -3.68 16.18
CA VAL A 220 5.37 -3.89 15.18
C VAL A 220 4.76 -4.66 14.02
N ALA A 221 5.04 -4.21 12.79
CA ALA A 221 4.57 -4.86 11.58
C ALA A 221 5.74 -5.42 10.80
N GLY A 222 5.52 -6.59 10.19
CA GLY A 222 6.44 -7.15 9.23
C GLY A 222 5.81 -7.05 7.84
N ILE A 223 6.59 -6.51 6.90
CA ILE A 223 6.15 -6.27 5.51
C ILE A 223 7.01 -7.15 4.64
N ALA A 224 6.44 -8.22 4.06
CA ALA A 224 7.26 -9.23 3.40
C ALA A 224 7.78 -8.77 2.04
N MET A 225 9.06 -9.00 1.80
CA MET A 225 9.67 -8.72 0.52
C MET A 225 9.51 -9.93 -0.40
N ASN A 226 9.90 -9.77 -1.66
CA ASN A 226 9.73 -10.81 -2.66
C ASN A 226 11.00 -11.67 -2.74
N ARG A 227 10.82 -12.99 -2.60
CA ARG A 227 11.99 -13.87 -2.53
C ARG A 227 12.76 -13.90 -3.84
N GLU A 228 12.06 -14.00 -4.97
CA GLU A 228 12.76 -14.08 -6.27
C GLU A 228 13.60 -12.83 -6.51
N MET A 229 13.05 -11.66 -6.17
CA MET A 229 13.77 -10.42 -6.40
C MET A 229 14.94 -10.26 -5.42
N MET A 230 14.74 -10.58 -4.14
CA MET A 230 15.83 -10.46 -3.19
C MET A 230 16.97 -11.40 -3.53
N GLN A 231 16.67 -12.55 -4.14
CA GLN A 231 17.74 -13.49 -4.47
C GLN A 231 18.65 -12.98 -5.58
N THR A 232 18.29 -11.88 -6.25
CA THR A 232 19.21 -11.23 -7.18
C THR A 232 20.20 -10.28 -6.48
N ALA A 233 20.16 -10.17 -5.15
CA ALA A 233 21.10 -9.30 -4.45
C ALA A 233 22.53 -9.65 -4.88
N PRO A 234 23.41 -8.65 -5.10
CA PRO A 234 23.23 -7.22 -4.83
C PRO A 234 22.74 -6.41 -6.02
N ASN A 235 22.05 -7.05 -6.96
CA ASN A 235 21.68 -6.41 -8.21
C ASN A 235 20.34 -5.68 -8.09
N SER A 236 19.88 -5.12 -9.21
CA SER A 236 18.84 -4.08 -9.15
C SER A 236 17.49 -4.60 -8.66
N MET A 237 17.12 -5.84 -8.96
CA MET A 237 15.77 -6.25 -8.57
C MET A 237 15.65 -6.44 -7.06
N ALA A 238 16.76 -6.74 -6.36
CA ALA A 238 16.75 -6.72 -4.90
C ALA A 238 16.52 -5.31 -4.37
N CYS A 239 17.02 -4.30 -5.10
CA CYS A 239 16.76 -2.91 -4.69
C CYS A 239 15.29 -2.54 -4.86
N ALA A 240 14.64 -3.13 -5.86
CA ALA A 240 13.25 -2.79 -6.16
C ALA A 240 12.31 -3.37 -5.12
N THR A 241 12.52 -4.62 -4.69
CA THR A 241 11.62 -5.13 -3.65
C THR A 241 11.85 -4.40 -2.33
N THR A 242 13.11 -4.05 -2.01
CA THR A 242 13.38 -3.17 -0.87
C THR A 242 12.58 -1.88 -0.95
N ALA A 243 12.68 -1.18 -2.10
CA ALA A 243 12.06 0.13 -2.25
C ALA A 243 10.54 0.07 -2.13
N PHE A 244 9.89 -0.87 -2.84
CA PHE A 244 8.43 -0.96 -2.77
C PHE A 244 7.96 -1.21 -1.34
N CYS A 245 8.73 -1.99 -0.57
CA CYS A 245 8.30 -2.28 0.79
C CYS A 245 8.45 -1.08 1.72
N TYR A 246 9.37 -0.15 1.43
CA TYR A 246 9.41 1.10 2.21
C TYR A 246 8.15 1.93 2.00
N SER A 247 7.61 1.96 0.78
CA SER A 247 6.36 2.67 0.57
C SER A 247 5.19 1.93 1.22
N ARG A 248 5.22 0.59 1.21
CA ARG A 248 4.20 -0.17 1.95
C ARG A 248 4.27 0.13 3.46
N MET A 249 5.49 0.28 4.00
CA MET A 249 5.65 0.63 5.41
C MET A 249 4.99 1.97 5.71
N CYS A 250 5.19 2.95 4.83
CA CYS A 250 4.63 4.27 5.05
C CYS A 250 3.12 4.22 5.10
N MET A 251 2.51 3.53 4.13
N MET A 251 2.51 3.56 4.12
CA MET A 251 1.05 3.44 4.07
CA MET A 251 1.06 3.42 4.08
C MET A 251 0.51 2.68 5.27
C MET A 251 0.56 2.75 5.35
N PHE A 252 1.26 1.69 5.79
CA PHE A 252 0.85 0.99 6.99
C PHE A 252 0.80 1.93 8.18
N ASP A 253 1.90 2.67 8.41
CA ASP A 253 1.96 3.59 9.54
C ASP A 253 0.80 4.58 9.51
N MET A 254 0.55 5.21 8.35
CA MET A 254 -0.50 6.22 8.31
C MET A 254 -1.89 5.62 8.50
N TRP A 255 -2.17 4.50 7.80
CA TRP A 255 -3.45 3.80 7.97
C TRP A 255 -3.68 3.43 9.43
N LEU A 256 -2.69 2.78 10.07
CA LEU A 256 -2.88 2.29 11.44
C LEU A 256 -2.97 3.44 12.44
N CYS A 257 -2.12 4.47 12.28
CA CYS A 257 -2.23 5.62 13.17
C CYS A 257 -3.61 6.25 13.10
N GLN A 258 -4.16 6.37 11.88
CA GLN A 258 -5.49 6.95 11.73
C GLN A 258 -6.56 6.08 12.40
N PHE A 259 -6.47 4.74 12.24
CA PHE A 259 -7.41 3.87 12.93
C PHE A 259 -7.35 4.08 14.44
N ILE A 260 -6.15 4.10 15.00
CA ILE A 260 -5.99 4.24 16.44
C ILE A 260 -6.53 5.58 16.91
N ARG A 261 -6.26 6.64 16.15
CA ARG A 261 -6.78 7.95 16.51
C ARG A 261 -8.29 7.97 16.48
N TYR A 262 -8.88 7.38 15.43
CA TYR A 262 -10.33 7.33 15.30
C TYR A 262 -10.98 6.40 16.32
N MET A 263 -10.19 5.59 17.02
CA MET A 263 -10.66 4.80 18.16
C MET A 263 -10.60 5.57 19.48
N GLY A 264 -10.05 6.78 19.50
CA GLY A 264 -9.98 7.60 20.69
C GLY A 264 -8.65 7.61 21.42
N TYR A 265 -7.59 7.11 20.79
CA TYR A 265 -6.25 7.08 21.38
C TYR A 265 -5.31 7.91 20.50
N TYR A 266 -4.06 8.07 20.93
CA TYR A 266 -3.05 8.71 20.09
C TYR A 266 -2.10 7.65 19.53
N ALA A 267 -1.37 8.04 18.47
CA ALA A 267 -0.50 7.10 17.79
C ALA A 267 0.65 7.86 17.17
N ILE A 268 1.85 7.31 17.31
CA ILE A 268 3.06 7.88 16.74
C ILE A 268 3.57 6.95 15.65
N PRO A 269 3.64 7.38 14.39
CA PRO A 269 4.25 6.56 13.34
C PRO A 269 5.77 6.62 13.42
N SER A 270 6.45 5.78 12.64
CA SER A 270 7.91 5.90 12.68
C SER A 270 8.70 5.43 11.45
N CYS A 271 8.26 4.37 10.76
CA CYS A 271 9.07 3.77 9.71
C CYS A 271 10.50 3.54 10.22
N ASN A 272 11.53 4.10 9.58
CA ASN A 272 12.89 3.84 10.04
C ASN A 272 13.34 4.77 11.16
N GLY A 273 12.50 5.70 11.60
CA GLY A 273 12.85 6.63 12.66
C GLY A 273 12.46 6.15 14.04
N VAL A 274 12.67 7.05 15.01
CA VAL A 274 12.20 7.00 16.40
C VAL A 274 12.94 5.96 17.25
N GLY A 275 13.07 4.72 16.76
CA GLY A 275 13.78 3.73 17.54
C GLY A 275 14.17 2.52 16.72
N GLN A 276 14.78 1.55 17.39
CA GLN A 276 15.44 0.42 16.72
C GLN A 276 14.43 -0.70 16.46
N SER A 277 14.04 -0.85 15.20
CA SER A 277 12.95 -1.75 14.82
C SER A 277 13.25 -3.22 15.17
N VAL A 278 14.50 -3.66 15.02
CA VAL A 278 14.82 -5.07 15.26
C VAL A 278 14.57 -5.43 16.73
N ALA A 279 14.97 -4.56 17.65
CA ALA A 279 14.73 -4.81 19.06
C ALA A 279 13.24 -4.88 19.38
N PHE A 280 12.46 -3.91 18.85
CA PHE A 280 11.02 -3.95 19.09
C PHE A 280 10.42 -5.22 18.54
N ALA A 281 10.86 -5.64 17.34
CA ALA A 281 10.31 -6.83 16.71
C ALA A 281 10.58 -8.08 17.53
N VAL A 282 11.77 -8.17 18.12
CA VAL A 282 12.10 -9.33 18.96
C VAL A 282 11.24 -9.32 20.22
N GLU A 283 11.05 -8.15 20.82
CA GLU A 283 10.26 -8.07 22.04
C GLU A 283 8.78 -8.34 21.77
N ALA A 284 8.31 -8.02 20.56
CA ALA A 284 6.93 -8.26 20.16
C ALA A 284 6.71 -9.67 19.60
N GLY A 285 7.74 -10.50 19.53
CA GLY A 285 7.56 -11.88 19.12
C GLY A 285 7.52 -12.15 17.63
N LEU A 286 7.90 -11.19 16.78
CA LEU A 286 7.90 -11.48 15.34
C LEU A 286 8.98 -12.49 14.99
N GLY A 287 10.08 -12.48 15.71
CA GLY A 287 11.17 -13.38 15.39
C GLY A 287 12.32 -13.20 16.37
N GLN A 288 13.50 -13.68 15.96
CA GLN A 288 14.70 -13.61 16.78
C GLN A 288 15.79 -12.85 16.03
N ALA A 289 16.63 -12.15 16.79
CA ALA A 289 17.78 -11.48 16.22
C ALA A 289 18.81 -12.51 15.76
N SER A 290 19.61 -12.12 14.77
CA SER A 290 20.47 -13.05 14.06
C SER A 290 21.89 -12.49 13.97
N ARG A 291 22.78 -13.32 13.42
CA ARG A 291 24.17 -12.91 13.24
C ARG A 291 24.27 -11.67 12.35
N MET A 292 23.49 -11.59 11.28
CA MET A 292 23.59 -10.43 10.41
C MET A 292 23.08 -9.16 11.08
N GLY A 293 22.27 -9.30 12.14
CA GLY A 293 21.69 -8.17 12.84
C GLY A 293 20.20 -7.99 12.61
N ALA A 294 19.61 -8.74 11.71
CA ALA A 294 18.20 -8.61 11.38
C ALA A 294 17.35 -9.56 12.21
N CYS A 295 16.05 -9.23 12.29
CA CYS A 295 15.06 -10.11 12.91
C CYS A 295 14.67 -11.20 11.93
N ILE A 296 14.93 -12.46 12.29
CA ILE A 296 14.57 -13.60 11.45
C ILE A 296 13.21 -14.14 11.92
N THR A 297 12.26 -14.24 10.98
CA THR A 297 10.91 -14.68 11.28
C THR A 297 10.71 -16.11 10.79
N PRO A 298 9.81 -16.89 11.39
CA PRO A 298 9.54 -18.23 10.85
C PRO A 298 9.00 -18.22 9.43
N GLU A 299 8.21 -17.21 9.06
CA GLU A 299 7.50 -17.20 7.78
C GLU A 299 8.39 -16.75 6.64
N PHE A 300 9.25 -15.75 6.88
CA PHE A 300 10.01 -15.11 5.81
C PHE A 300 11.51 -15.10 6.06
N GLY A 301 11.98 -15.69 7.15
CA GLY A 301 13.35 -15.45 7.58
C GLY A 301 13.57 -13.96 7.78
N PRO A 302 14.75 -13.47 7.40
CA PRO A 302 15.03 -12.04 7.48
C PRO A 302 14.52 -11.24 6.29
N ASN A 303 13.85 -11.89 5.33
CA ASN A 303 13.45 -11.23 4.09
C ASN A 303 12.11 -10.51 4.28
N VAL A 304 12.13 -9.57 5.22
CA VAL A 304 10.93 -8.89 5.66
C VAL A 304 11.36 -7.55 6.23
N ARG A 305 10.61 -6.50 5.88
CA ARG A 305 10.87 -5.19 6.45
C ARG A 305 10.03 -4.98 7.70
N LEU A 306 10.47 -4.06 8.54
CA LEU A 306 9.81 -3.77 9.80
C LEU A 306 9.40 -2.30 9.86
N THR A 307 8.23 -2.04 10.45
CA THR A 307 7.89 -0.70 10.89
C THR A 307 7.13 -0.82 12.21
N LYS A 308 6.83 0.33 12.85
CA LYS A 308 6.20 0.24 14.16
C LYS A 308 5.48 1.54 14.48
N VAL A 309 4.45 1.42 15.33
CA VAL A 309 3.60 2.51 15.78
C VAL A 309 3.53 2.45 17.30
N PHE A 310 3.66 3.61 17.95
CA PHE A 310 3.63 3.71 19.40
C PHE A 310 2.29 4.28 19.86
N THR A 311 1.73 3.76 20.95
CA THR A 311 0.39 4.20 21.34
C THR A 311 0.13 3.99 22.83
N ASN A 312 -0.83 4.76 23.34
CA ASN A 312 -1.41 4.54 24.67
C ASN A 312 -2.62 3.60 24.65
N MET A 313 -3.08 3.15 23.48
CA MET A 313 -4.18 2.20 23.41
C MET A 313 -3.85 0.97 24.26
N PRO A 314 -4.73 0.58 25.18
CA PRO A 314 -4.49 -0.65 25.95
C PRO A 314 -4.45 -1.87 25.02
N LEU A 315 -3.44 -2.72 25.21
CA LEU A 315 -3.22 -3.89 24.37
C LEU A 315 -2.65 -5.02 25.21
N VAL A 316 -2.77 -6.24 24.68
CA VAL A 316 -2.18 -7.43 25.30
C VAL A 316 -0.84 -7.70 24.63
N PRO A 317 0.29 -7.60 25.34
CA PRO A 317 1.58 -7.92 24.70
C PRO A 317 1.67 -9.38 24.26
N ASP A 318 2.30 -9.59 23.12
CA ASP A 318 2.58 -10.92 22.63
C ASP A 318 3.79 -11.52 23.35
N LYS A 319 3.88 -12.86 23.30
CA LYS A 319 5.05 -13.50 23.88
C LYS A 319 6.21 -13.56 22.88
N PRO A 320 7.45 -13.43 23.36
CA PRO A 320 8.59 -13.67 22.48
C PRO A 320 8.61 -15.11 21.99
N ILE A 321 9.41 -15.34 20.94
CA ILE A 321 9.53 -16.66 20.31
C ILE A 321 10.99 -17.07 20.31
N ASP A 322 11.26 -18.36 20.56
CA ASP A 322 12.60 -18.93 20.44
C ASP A 322 12.48 -20.20 19.60
N PHE A 323 12.81 -20.12 18.31
CA PHE A 323 12.80 -21.30 17.45
C PHE A 323 14.22 -21.72 17.06
N GLY A 324 15.20 -21.35 17.88
CA GLY A 324 16.56 -21.85 17.73
C GLY A 324 17.48 -21.03 16.86
N VAL A 325 17.09 -19.80 16.52
CA VAL A 325 17.92 -18.99 15.61
C VAL A 325 19.31 -18.76 16.19
N THR A 326 19.38 -18.42 17.49
CA THR A 326 20.67 -18.11 18.09
C THR A 326 21.65 -19.26 17.92
N GLU A 327 21.18 -20.48 18.12
CA GLU A 327 22.05 -21.65 18.03
C GLU A 327 22.43 -21.94 16.58
N PHE A 328 21.52 -21.73 15.64
CA PHE A 328 21.86 -21.92 14.23
C PHE A 328 22.88 -20.88 13.78
N CYS A 329 22.70 -19.61 14.18
CA CYS A 329 23.65 -18.58 13.78
C CYS A 329 25.04 -18.82 14.39
N GLU A 330 25.09 -19.49 15.55
CA GLU A 330 26.37 -19.78 16.17
C GLU A 330 27.24 -20.65 15.28
N THR A 331 26.64 -21.57 14.52
CA THR A 331 27.39 -22.53 13.72
C THR A 331 27.29 -22.29 12.21
N CYS A 332 26.45 -21.37 11.75
CA CYS A 332 26.18 -21.25 10.31
C CYS A 332 27.18 -20.34 9.62
N LYS A 333 27.14 -19.05 9.92
CA LYS A 333 28.06 -18.04 9.40
C LYS A 333 28.02 -17.87 7.88
N LYS A 334 26.95 -18.27 7.19
CA LYS A 334 26.92 -18.13 5.74
C LYS A 334 26.89 -16.67 5.31
N CYS A 335 26.12 -15.83 6.00
CA CYS A 335 26.11 -14.41 5.68
C CYS A 335 27.48 -13.78 5.86
N ALA A 336 28.20 -14.16 6.92
CA ALA A 336 29.54 -13.61 7.14
C ALA A 336 30.49 -14.01 6.03
N ARG A 337 30.36 -15.23 5.51
CA ARG A 337 31.28 -15.67 4.47
C ARG A 337 30.95 -15.05 3.12
N GLU A 338 29.68 -14.73 2.86
CA GLU A 338 29.27 -14.20 1.58
C GLU A 338 29.22 -12.68 1.54
N CYS A 339 29.27 -12.02 2.68
CA CYS A 339 29.21 -10.55 2.71
C CYS A 339 30.32 -9.95 1.86
N PRO A 340 30.00 -9.15 0.83
CA PRO A 340 31.06 -8.63 -0.04
C PRO A 340 31.97 -7.61 0.62
N SER A 341 31.65 -7.13 1.82
CA SER A 341 32.49 -6.16 2.50
C SER A 341 33.11 -6.70 3.78
N LYS A 342 32.87 -7.98 4.11
CA LYS A 342 33.26 -8.57 5.39
C LYS A 342 32.81 -7.73 6.58
N ALA A 343 31.58 -7.20 6.50
CA ALA A 343 31.03 -6.40 7.59
C ALA A 343 30.55 -7.24 8.76
N ILE A 344 30.14 -8.48 8.51
CA ILE A 344 29.49 -9.32 9.53
C ILE A 344 30.55 -10.17 10.22
N THR A 345 30.52 -10.15 11.56
CA THR A 345 31.52 -10.90 12.32
C THR A 345 31.29 -12.40 12.22
N GLU A 346 32.40 -13.16 12.25
CA GLU A 346 32.34 -14.61 12.40
C GLU A 346 32.49 -15.03 13.85
N GLY A 347 32.64 -14.07 14.76
CA GLY A 347 32.90 -14.38 16.15
C GLY A 347 31.64 -14.48 16.99
N PRO A 348 31.83 -14.60 18.30
CA PRO A 348 30.69 -14.71 19.21
C PRO A 348 30.07 -13.35 19.51
N ARG A 349 28.88 -13.39 20.10
CA ARG A 349 28.24 -12.18 20.60
C ARG A 349 29.03 -11.57 21.76
N THR A 350 28.99 -10.24 21.86
CA THR A 350 29.58 -9.53 22.99
C THR A 350 28.67 -8.37 23.36
N PHE A 351 29.01 -7.72 24.48
CA PHE A 351 28.33 -6.52 24.93
C PHE A 351 29.04 -5.25 24.48
N GLU A 352 30.13 -5.37 23.72
CA GLU A 352 30.99 -4.23 23.41
C GLU A 352 30.85 -3.88 21.94
N GLY A 353 30.38 -2.66 21.66
CA GLY A 353 30.18 -2.24 20.29
C GLY A 353 31.49 -2.23 19.51
N ARG A 354 31.38 -2.60 18.23
CA ARG A 354 32.55 -2.60 17.36
C ARG A 354 32.99 -1.19 17.00
N SER A 355 32.05 -0.25 16.91
CA SER A 355 32.34 1.12 16.54
C SER A 355 31.16 1.98 16.98
N ILE A 356 31.23 3.26 16.66
CA ILE A 356 30.21 4.22 17.08
C ILE A 356 28.83 3.85 16.56
N HIS A 357 28.75 3.04 15.50
CA HIS A 357 27.45 2.71 14.91
C HIS A 357 26.68 1.68 15.72
N ASN A 358 27.34 0.96 16.62
CA ASN A 358 26.70 -0.05 17.45
C ASN A 358 26.37 0.53 18.82
N GLN A 359 25.22 0.12 19.37
CA GLN A 359 24.87 0.46 20.74
C GLN A 359 25.46 -0.57 21.69
N SER A 360 26.43 -0.14 22.50
CA SER A 360 27.03 -1.03 23.48
C SER A 360 26.06 -1.31 24.63
N GLY A 361 26.34 -2.39 25.36
CA GLY A 361 25.55 -2.75 26.52
C GLY A 361 24.46 -3.76 26.28
N LYS A 362 24.37 -4.33 25.09
CA LYS A 362 23.41 -5.40 24.80
C LYS A 362 24.14 -6.52 24.09
N LEU A 363 23.86 -7.76 24.48
CA LEU A 363 24.53 -8.92 23.91
C LEU A 363 24.05 -9.15 22.48
N GLN A 364 24.97 -9.02 21.52
CA GLN A 364 24.58 -9.12 20.11
C GLN A 364 25.83 -9.43 19.31
N TRP A 365 25.63 -9.88 18.09
CA TRP A 365 26.75 -9.96 17.15
C TRP A 365 27.11 -8.56 16.68
N GLN A 366 28.38 -8.18 16.85
CA GLN A 366 28.84 -6.82 16.60
C GLN A 366 29.40 -6.73 15.19
N ASN A 367 28.66 -6.06 14.30
CA ASN A 367 29.05 -5.94 12.91
C ASN A 367 29.56 -4.53 12.61
N ASP A 368 30.39 -4.42 11.57
CA ASP A 368 30.96 -3.14 11.16
C ASP A 368 30.08 -2.54 10.06
N TYR A 369 29.20 -1.62 10.44
CA TYR A 369 28.22 -1.13 9.49
C TYR A 369 28.76 -0.04 8.58
N ASN A 370 29.95 0.50 8.88
CA ASN A 370 30.59 1.39 7.91
C ASN A 370 31.08 0.59 6.71
N LYS A 371 31.58 -0.63 6.94
CA LYS A 371 31.97 -1.49 5.83
C LYS A 371 30.75 -1.86 4.98
N CYS A 372 29.62 -2.17 5.64
CA CYS A 372 28.41 -2.45 4.89
C CYS A 372 28.06 -1.28 3.97
N LEU A 373 27.91 -0.08 4.53
CA LEU A 373 27.52 1.05 3.70
C LEU A 373 28.52 1.31 2.59
N GLY A 374 29.80 1.02 2.81
CA GLY A 374 30.80 1.25 1.78
C GLY A 374 30.59 0.44 0.52
N TYR A 375 29.96 -0.73 0.63
CA TYR A 375 29.70 -1.55 -0.55
C TYR A 375 28.51 -1.01 -1.37
N TRP A 376 27.66 -0.17 -0.79
CA TRP A 376 26.48 0.27 -1.54
C TRP A 376 26.86 1.16 -2.72
N PRO A 377 27.74 2.17 -2.58
CA PRO A 377 28.18 2.90 -3.78
C PRO A 377 28.92 2.00 -4.76
N GLU A 378 29.71 1.04 -4.24
CA GLU A 378 30.46 0.15 -5.11
C GLU A 378 29.54 -0.70 -5.98
N SER A 379 28.41 -1.15 -5.42
CA SER A 379 27.49 -2.02 -6.12
C SER A 379 26.31 -1.28 -6.74
N GLY A 380 26.11 -0.01 -6.37
CA GLY A 380 25.02 0.77 -6.94
C GLY A 380 23.64 0.38 -6.43
N GLY A 381 23.55 -0.12 -5.23
CA GLY A 381 22.27 -0.51 -4.67
C GLY A 381 22.31 -0.55 -3.16
N TYR A 382 21.50 -1.46 -2.58
CA TYR A 382 21.44 -1.62 -1.13
C TYR A 382 21.84 -3.02 -0.72
N CYS A 383 22.63 -3.69 -1.56
CA CYS A 383 23.12 -5.05 -1.36
C CYS A 383 22.00 -6.00 -0.97
N GLY A 384 22.01 -6.50 0.27
CA GLY A 384 21.08 -7.52 0.70
C GLY A 384 21.56 -8.94 0.51
N VAL A 385 22.85 -9.13 0.20
CA VAL A 385 23.36 -10.49 -0.02
C VAL A 385 23.16 -11.34 1.23
N CYS A 386 23.35 -10.74 2.41
CA CYS A 386 23.17 -11.49 3.67
C CYS A 386 21.74 -12.04 3.80
N VAL A 387 20.75 -11.21 3.48
CA VAL A 387 19.36 -11.68 3.48
C VAL A 387 19.16 -12.77 2.44
N ALA A 388 19.73 -12.55 1.25
CA ALA A 388 19.49 -13.46 0.14
C ALA A 388 20.05 -14.85 0.42
N VAL A 389 21.20 -14.94 1.09
CA VAL A 389 21.83 -16.25 1.29
C VAL A 389 21.44 -16.92 2.59
N CYS A 390 20.73 -16.22 3.47
CA CYS A 390 20.36 -16.82 4.74
C CYS A 390 19.45 -18.02 4.51
N PRO A 391 19.74 -19.18 5.10
CA PRO A 391 18.85 -20.33 4.89
C PRO A 391 17.41 -20.06 5.29
N PHE A 392 17.18 -19.19 6.26
CA PHE A 392 15.82 -18.92 6.71
C PHE A 392 15.01 -18.14 5.66
N THR A 393 15.70 -17.53 4.68
CA THR A 393 15.00 -16.86 3.59
C THR A 393 14.39 -17.86 2.62
N LYS A 394 14.87 -19.11 2.61
CA LYS A 394 14.25 -20.10 1.73
C LYS A 394 12.83 -20.43 2.20
N GLY A 395 11.94 -20.66 1.25
CA GLY A 395 10.65 -21.24 1.60
C GLY A 395 10.79 -22.72 1.90
N ASN A 396 9.80 -23.26 2.59
CA ASN A 396 9.81 -24.67 2.99
C ASN A 396 11.10 -25.05 3.70
N ILE A 397 11.39 -24.33 4.79
CA ILE A 397 12.43 -24.76 5.72
C ILE A 397 11.85 -25.61 6.85
N TRP A 398 10.54 -25.59 7.01
CA TRP A 398 9.86 -26.23 8.12
C TRP A 398 9.40 -27.62 7.73
N ILE A 399 9.66 -28.60 8.61
CA ILE A 399 9.16 -29.95 8.44
C ILE A 399 8.57 -30.42 9.77
N HIS A 400 7.70 -31.41 9.68
CA HIS A 400 7.04 -31.99 10.84
C HIS A 400 7.48 -33.43 10.95
N ASP A 401 7.89 -33.87 12.14
CA ASP A 401 8.42 -35.21 12.30
C ASP A 401 7.39 -36.20 12.84
N GLY A 402 6.10 -35.84 12.80
CA GLY A 402 5.05 -36.65 13.38
C GLY A 402 4.66 -36.25 14.78
N VAL A 403 5.54 -35.58 15.50
CA VAL A 403 5.28 -35.08 16.84
C VAL A 403 5.29 -33.56 16.86
N GLU A 404 6.30 -32.93 16.26
CA GLU A 404 6.45 -31.49 16.35
C GLU A 404 7.15 -30.95 15.10
N TRP A 405 7.15 -29.62 15.00
CA TRP A 405 7.81 -28.90 13.91
C TRP A 405 9.29 -28.72 14.21
N LEU A 406 10.10 -28.68 13.14
CA LEU A 406 11.54 -28.48 13.29
C LEU A 406 12.10 -27.88 12.00
N ILE A 407 13.30 -27.29 12.13
CA ILE A 407 14.07 -26.78 11.00
C ILE A 407 14.82 -27.92 10.31
N ASP A 408 14.79 -27.92 8.98
CA ASP A 408 15.52 -28.90 8.17
C ASP A 408 17.00 -28.54 8.11
N ASN A 409 17.85 -29.29 8.82
CA ASN A 409 19.28 -28.97 8.88
C ASN A 409 19.96 -29.04 7.52
N THR A 410 19.34 -29.68 6.52
CA THR A 410 20.00 -29.81 5.22
C THR A 410 20.17 -28.45 4.55
N ARG A 411 19.27 -27.51 4.86
CA ARG A 411 19.34 -26.17 4.29
C ARG A 411 20.56 -25.38 4.76
N PHE A 412 21.26 -25.86 5.78
CA PHE A 412 22.41 -25.16 6.32
C PHE A 412 23.70 -25.87 5.89
N ASN A 431 18.55 -15.69 -13.47
CA ASN A 431 19.02 -14.32 -13.66
C ASN A 431 17.86 -13.33 -13.63
N ILE A 432 18.20 -12.06 -13.85
CA ILE A 432 17.18 -11.01 -13.72
C ILE A 432 16.18 -11.05 -14.90
N THR A 433 16.62 -11.45 -16.10
CA THR A 433 15.65 -11.67 -17.17
C THR A 433 14.59 -12.68 -16.74
N GLU A 434 15.02 -13.79 -16.13
CA GLU A 434 14.09 -14.81 -15.68
C GLU A 434 13.16 -14.30 -14.59
N VAL A 435 13.61 -13.34 -13.78
CA VAL A 435 12.72 -12.73 -12.80
C VAL A 435 11.67 -11.88 -13.49
N TRP A 436 12.08 -11.04 -14.44
CA TRP A 436 11.12 -10.22 -15.18
C TRP A 436 10.13 -11.06 -15.97
N ASP A 437 10.53 -12.24 -16.42
CA ASP A 437 9.65 -13.10 -17.20
C ASP A 437 8.94 -14.15 -16.34
N GLY A 438 9.17 -14.16 -15.03
CA GLY A 438 8.75 -15.24 -14.18
C GLY A 438 7.59 -14.87 -13.27
N LYS A 439 7.44 -15.65 -12.20
CA LYS A 439 6.28 -15.55 -11.31
C LYS A 439 6.22 -14.23 -10.57
N ILE A 440 5.01 -13.66 -10.51
CA ILE A 440 4.74 -12.50 -9.69
C ILE A 440 3.26 -12.52 -9.34
N ASN A 441 2.90 -11.79 -8.30
CA ASN A 441 1.51 -11.70 -7.84
C ASN A 441 1.40 -10.38 -7.09
N THR A 442 0.22 -10.09 -6.54
CA THR A 442 -0.06 -8.76 -6.01
C THR A 442 0.90 -8.41 -4.88
N TYR A 443 1.50 -7.22 -4.97
CA TYR A 443 2.48 -6.71 -4.01
C TYR A 443 3.71 -7.60 -3.90
N GLY A 444 3.96 -8.46 -4.88
CA GLY A 444 5.09 -9.37 -4.79
C GLY A 444 4.88 -10.53 -3.85
N LEU A 445 3.69 -10.67 -3.26
CA LEU A 445 3.41 -11.80 -2.38
C LEU A 445 3.32 -13.10 -3.19
N ASP A 446 3.52 -14.23 -2.50
CA ASP A 446 3.62 -15.53 -3.16
C ASP A 446 2.46 -16.42 -2.70
N ALA A 447 1.54 -16.73 -3.62
CA ALA A 447 0.38 -17.54 -3.23
C ALA A 447 0.77 -18.95 -2.80
N ASP A 448 1.98 -19.42 -3.14
CA ASP A 448 2.43 -20.72 -2.64
C ASP A 448 2.59 -20.72 -1.12
N HIS A 449 2.80 -19.55 -0.51
CA HIS A 449 3.05 -19.45 0.92
C HIS A 449 2.09 -18.51 1.65
N PHE A 450 1.19 -17.83 0.93
CA PHE A 450 0.36 -16.78 1.53
C PHE A 450 -0.60 -17.31 2.60
N ARG A 451 -0.96 -18.61 2.56
CA ARG A 451 -1.77 -19.18 3.64
C ARG A 451 -1.07 -19.09 4.98
N ASP A 452 0.26 -18.99 5.00
CA ASP A 452 0.99 -18.95 6.25
C ASP A 452 0.64 -17.73 7.09
N THR A 453 0.13 -16.65 6.48
CA THR A 453 -0.18 -15.46 7.25
C THR A 453 -1.68 -15.24 7.41
N VAL A 454 -2.50 -16.26 7.13
CA VAL A 454 -3.92 -16.14 7.46
C VAL A 454 -4.07 -15.95 8.98
N SER A 455 -5.12 -15.25 9.38
CA SER A 455 -5.31 -14.90 10.78
C SER A 455 -6.78 -15.04 11.16
N PHE A 456 -7.04 -15.68 12.31
CA PHE A 456 -8.33 -15.71 12.99
C PHE A 456 -8.18 -15.09 14.37
N ARG A 457 -9.30 -14.84 15.06
CA ARG A 457 -9.19 -14.20 16.37
C ARG A 457 -8.27 -14.98 17.30
N LYS A 458 -8.29 -16.32 17.21
CA LYS A 458 -7.43 -17.13 18.07
C LYS A 458 -5.96 -16.79 17.89
N ASP A 459 -5.55 -16.39 16.67
CA ASP A 459 -4.17 -15.97 16.40
C ASP A 459 -3.87 -14.59 16.94
N ARG A 460 -4.89 -13.73 17.08
CA ARG A 460 -4.66 -12.32 17.35
C ARG A 460 -4.60 -12.01 18.82
N VAL A 461 -5.38 -12.70 19.65
CA VAL A 461 -5.39 -12.42 21.07
C VAL A 461 -5.79 -13.69 21.80
N LYS A 462 -5.20 -13.92 22.96
CA LYS A 462 -5.46 -15.14 23.71
C LYS A 462 -6.39 -14.86 24.89
N ALA B 8 -5.46 -18.80 -15.56
CA ALA B 8 -5.17 -18.13 -16.83
C ALA B 8 -5.81 -18.90 -17.98
N GLU B 9 -6.12 -20.17 -17.73
CA GLU B 9 -6.76 -20.99 -18.76
C GLU B 9 -8.15 -20.47 -19.09
N ILE B 10 -8.91 -20.05 -18.08
CA ILE B 10 -10.26 -19.53 -18.30
C ILE B 10 -10.21 -18.30 -19.19
N ARG B 11 -9.28 -17.38 -18.90
CA ARG B 11 -9.24 -16.12 -19.64
C ARG B 11 -8.85 -16.32 -21.09
N GLN B 12 -7.99 -17.31 -21.39
CA GLN B 12 -7.71 -17.62 -22.78
C GLN B 12 -8.93 -18.25 -23.45
N GLN B 13 -9.68 -19.07 -22.71
CA GLN B 13 -10.84 -19.74 -23.28
C GLN B 13 -11.90 -18.75 -23.72
N PHE B 14 -12.01 -17.60 -23.04
CA PHE B 14 -13.10 -16.66 -23.30
C PHE B 14 -12.64 -15.40 -24.02
N ALA B 15 -11.38 -15.34 -24.47
CA ALA B 15 -10.91 -14.20 -25.25
C ALA B 15 -11.71 -14.06 -26.55
N MET B 16 -12.07 -12.82 -26.87
N MET B 16 -12.09 -12.81 -26.85
CA MET B 16 -12.75 -12.53 -28.12
CA MET B 16 -12.76 -12.39 -28.07
C MET B 16 -11.78 -11.84 -29.08
C MET B 16 -11.73 -11.93 -29.11
N THR B 17 -12.19 -11.78 -30.35
CA THR B 17 -11.39 -11.09 -31.33
C THR B 17 -11.36 -9.59 -31.00
N ALA B 18 -10.37 -8.89 -31.53
CA ALA B 18 -10.17 -7.49 -31.19
C ALA B 18 -11.39 -6.66 -31.57
N GLY B 19 -11.61 -5.59 -30.81
CA GLY B 19 -12.69 -4.65 -31.08
C GLY B 19 -13.50 -4.30 -29.84
N SER B 20 -13.74 -3.02 -29.61
CA SER B 20 -14.49 -2.62 -28.43
C SER B 20 -15.84 -3.31 -28.43
N PRO B 21 -16.21 -4.01 -27.36
CA PRO B 21 -17.53 -4.67 -27.31
C PRO B 21 -18.67 -3.78 -26.82
N ILE B 22 -18.43 -2.49 -26.65
CA ILE B 22 -19.49 -1.55 -26.27
C ILE B 22 -20.16 -1.06 -27.55
N ILE B 23 -21.46 -1.31 -27.65
CA ILE B 23 -22.23 -0.91 -28.83
C ILE B 23 -22.71 0.52 -28.65
N VAL B 24 -22.47 1.36 -29.66
CA VAL B 24 -22.81 2.78 -29.60
C VAL B 24 -23.60 3.15 -30.85
N ASN B 25 -24.20 4.34 -30.82
CA ASN B 25 -24.85 4.88 -32.02
C ASN B 25 -24.35 6.28 -32.30
N ASP B 26 -24.97 6.96 -33.25
CA ASP B 26 -24.49 8.26 -33.70
C ASP B 26 -24.81 9.38 -32.72
N LYS B 27 -25.52 9.10 -31.64
CA LYS B 27 -25.87 10.12 -30.67
C LYS B 27 -24.85 10.29 -29.55
N LEU B 28 -23.90 9.37 -29.41
CA LEU B 28 -23.01 9.38 -28.27
C LEU B 28 -22.14 10.64 -28.26
N GLU B 29 -22.11 11.33 -27.13
CA GLU B 29 -21.22 12.46 -26.91
C GLU B 29 -20.45 12.21 -25.61
N ARG B 30 -19.26 12.80 -25.51
CA ARG B 30 -18.51 12.71 -24.26
C ARG B 30 -19.27 13.38 -23.12
N TYR B 31 -19.03 12.91 -21.91
CA TYR B 31 -19.90 13.14 -20.76
C TYR B 31 -19.18 14.06 -19.77
N ALA B 32 -19.85 15.14 -19.37
CA ALA B 32 -19.28 16.07 -18.40
C ALA B 32 -19.35 15.47 -17.00
N GLU B 33 -18.21 15.48 -16.29
CA GLU B 33 -18.12 14.79 -15.00
C GLU B 33 -19.08 15.37 -13.96
N VAL B 34 -19.44 16.66 -14.09
CA VAL B 34 -20.32 17.26 -13.11
C VAL B 34 -21.68 16.58 -13.09
N ARG B 35 -22.02 15.84 -14.14
CA ARG B 35 -23.30 15.16 -14.22
C ARG B 35 -23.42 13.97 -13.27
N THR B 36 -22.31 13.46 -12.71
CA THR B 36 -22.47 12.31 -11.81
C THR B 36 -23.29 12.70 -10.60
N ALA B 37 -23.91 11.70 -9.97
CA ALA B 37 -24.83 12.02 -8.87
C ALA B 37 -24.08 12.62 -7.68
N PHE B 38 -22.79 12.30 -7.53
CA PHE B 38 -22.00 12.85 -6.43
C PHE B 38 -21.84 14.36 -6.53
N THR B 39 -21.84 14.92 -7.75
CA THR B 39 -21.46 16.30 -7.98
C THR B 39 -22.58 17.18 -8.50
N HIS B 40 -23.59 16.61 -9.14
CA HIS B 40 -24.58 17.45 -9.81
C HIS B 40 -25.45 18.18 -8.79
N PRO B 41 -25.82 19.44 -9.05
CA PRO B 41 -26.63 20.18 -8.06
C PRO B 41 -27.99 19.57 -7.78
N THR B 42 -28.57 18.81 -8.71
CA THR B 42 -29.88 18.21 -8.48
C THR B 42 -29.83 16.99 -7.57
N SER B 43 -28.64 16.45 -7.31
CA SER B 43 -28.51 15.24 -6.50
C SER B 43 -27.56 15.42 -5.33
N PHE B 44 -26.82 16.52 -5.27
CA PHE B 44 -25.74 16.67 -4.29
C PHE B 44 -26.30 16.79 -2.87
N PHE B 45 -27.43 17.46 -2.71
CA PHE B 45 -28.00 17.72 -1.39
C PHE B 45 -29.03 16.65 -1.02
N LYS B 46 -28.95 16.17 0.22
CA LYS B 46 -29.90 15.19 0.73
C LYS B 46 -30.24 15.50 2.17
N PRO B 47 -31.44 15.14 2.63
CA PRO B 47 -31.79 15.34 4.03
C PRO B 47 -31.11 14.30 4.91
N ASN B 48 -30.78 14.73 6.14
CA ASN B 48 -30.30 13.82 7.16
C ASN B 48 -31.50 13.21 7.88
N TYR B 49 -31.28 12.44 8.95
CA TYR B 49 -32.39 11.78 9.61
C TYR B 49 -33.26 12.76 10.40
N LYS B 50 -32.75 13.94 10.71
CA LYS B 50 -33.51 15.00 11.38
C LYS B 50 -34.30 15.86 10.42
N GLY B 51 -34.18 15.64 9.12
CA GLY B 51 -34.81 16.49 8.14
C GLY B 51 -34.03 17.73 7.75
N GLU B 52 -32.74 17.80 8.06
CA GLU B 52 -31.90 18.93 7.65
C GLU B 52 -31.25 18.60 6.32
N VAL B 53 -31.35 19.52 5.35
CA VAL B 53 -30.77 19.29 4.03
C VAL B 53 -29.31 19.75 4.05
N LYS B 54 -28.41 18.86 3.63
CA LYS B 54 -26.98 19.08 3.67
C LYS B 54 -26.35 18.39 2.46
N PRO B 55 -25.09 18.71 2.14
CA PRO B 55 -24.33 17.84 1.22
C PRO B 55 -24.47 16.38 1.62
N TRP B 56 -24.63 15.50 0.61
CA TRP B 56 -25.00 14.11 0.88
C TRP B 56 -24.08 13.45 1.90
N PHE B 57 -22.76 13.71 1.81
CA PHE B 57 -21.83 13.01 2.69
C PHE B 57 -21.89 13.55 4.12
N LEU B 58 -22.27 14.82 4.30
CA LEU B 58 -22.48 15.33 5.66
C LEU B 58 -23.76 14.75 6.28
N SER B 59 -24.82 14.58 5.49
CA SER B 59 -26.00 13.88 6.01
C SER B 59 -25.66 12.43 6.35
N ALA B 60 -24.81 11.81 5.54
CA ALA B 60 -24.42 10.43 5.87
C ALA B 60 -23.59 10.39 7.15
N TYR B 61 -22.75 11.41 7.36
CA TYR B 61 -21.98 11.52 8.62
C TYR B 61 -22.91 11.56 9.82
N ASP B 62 -23.98 12.35 9.75
CA ASP B 62 -24.93 12.41 10.86
C ASP B 62 -25.48 11.03 11.18
N GLU B 63 -25.73 10.21 10.15
CA GLU B 63 -26.26 8.87 10.37
C GLU B 63 -25.22 7.95 11.01
N LYS B 64 -23.94 8.09 10.62
CA LYS B 64 -22.88 7.32 11.27
C LYS B 64 -22.79 7.66 12.76
N VAL B 65 -22.87 8.95 13.09
CA VAL B 65 -22.83 9.37 14.49
C VAL B 65 -24.00 8.77 15.25
N ARG B 66 -25.21 8.89 14.67
CA ARG B 66 -26.40 8.35 15.30
C ARG B 66 -26.27 6.85 15.53
N GLN B 67 -25.70 6.13 14.56
CA GLN B 67 -25.56 4.68 14.69
C GLN B 67 -24.59 4.30 15.80
N ILE B 68 -23.45 4.99 15.88
CA ILE B 68 -22.50 4.70 16.95
C ILE B 68 -23.15 4.93 18.31
N GLU B 69 -23.82 6.07 18.48
CA GLU B 69 -24.48 6.36 19.76
C GLU B 69 -25.47 5.27 20.12
N ASN B 70 -26.18 4.74 19.13
CA ASN B 70 -27.20 3.73 19.36
C ASN B 70 -26.67 2.31 19.22
N GLY B 71 -25.35 2.14 19.10
CA GLY B 71 -24.79 0.80 19.04
C GLY B 71 -25.22 -0.01 17.82
N GLU B 72 -25.20 0.62 16.65
CA GLU B 72 -25.59 -0.04 15.41
C GLU B 72 -24.42 -0.01 14.43
N ASN B 73 -24.31 -1.07 13.62
CA ASN B 73 -23.35 -1.15 12.52
C ASN B 73 -23.94 -0.72 11.18
N GLY B 74 -25.23 -0.41 11.12
CA GLY B 74 -25.88 -0.11 9.87
C GLY B 74 -27.34 0.18 10.13
N PRO B 75 -28.11 0.44 9.07
CA PRO B 75 -29.52 0.79 9.27
C PRO B 75 -30.29 -0.40 9.84
N LYS B 76 -30.87 -0.19 11.03
CA LYS B 76 -31.63 -1.22 11.73
C LYS B 76 -30.81 -2.47 11.97
N MET B 77 -29.50 -2.33 12.15
CA MET B 77 -28.60 -3.46 12.40
C MET B 77 -27.84 -3.18 13.69
N LYS B 78 -28.28 -3.81 14.77
CA LYS B 78 -27.62 -3.66 16.06
C LYS B 78 -26.22 -4.26 16.01
N ALA B 79 -25.28 -3.54 16.61
CA ALA B 79 -23.94 -4.07 16.80
C ALA B 79 -23.89 -4.86 18.11
N LYS B 80 -22.75 -5.52 18.35
CA LYS B 80 -22.57 -6.22 19.62
C LYS B 80 -22.63 -5.23 20.79
N ASN B 81 -22.08 -4.04 20.60
CA ASN B 81 -22.11 -2.95 21.58
C ASN B 81 -21.67 -1.68 20.86
N VAL B 82 -21.67 -0.57 21.60
CA VAL B 82 -21.21 0.71 21.03
C VAL B 82 -19.75 0.61 20.59
N GLY B 83 -18.94 -0.13 21.34
CA GLY B 83 -17.53 -0.25 20.99
C GLY B 83 -17.33 -0.86 19.61
N GLU B 84 -18.09 -1.90 19.29
CA GLU B 84 -18.01 -2.50 17.96
C GLU B 84 -18.46 -1.52 16.90
N ALA B 85 -19.58 -0.83 17.13
CA ALA B 85 -20.05 0.18 16.20
C ALA B 85 -18.96 1.22 15.93
N ARG B 86 -18.31 1.71 16.99
CA ARG B 86 -17.24 2.70 16.86
C ARG B 86 -16.08 2.16 16.02
N ALA B 87 -15.70 0.90 16.25
CA ALA B 87 -14.56 0.30 15.56
C ALA B 87 -14.79 0.21 14.06
N GLY B 88 -16.01 -0.12 13.64
CA GLY B 88 -16.29 -0.23 12.22
C GLY B 88 -16.12 1.09 11.50
N ARG B 89 -16.63 2.17 12.12
CA ARG B 89 -16.50 3.50 11.52
C ARG B 89 -15.08 4.03 11.60
N ALA B 90 -14.34 3.70 12.67
CA ALA B 90 -12.94 4.07 12.73
C ALA B 90 -12.14 3.38 11.63
N LEU B 91 -12.44 2.11 11.36
CA LEU B 91 -11.75 1.40 10.28
C LEU B 91 -12.11 1.99 8.90
N GLU B 92 -13.40 2.24 8.67
CA GLU B 92 -13.84 2.93 7.45
C GLU B 92 -13.10 4.25 7.24
N ALA B 93 -13.15 5.13 8.24
CA ALA B 93 -12.53 6.45 8.10
C ALA B 93 -11.04 6.35 7.83
N ALA B 94 -10.36 5.47 8.56
CA ALA B 94 -8.92 5.27 8.33
C ALA B 94 -8.62 4.79 6.91
N GLY B 95 -9.50 3.96 6.34
CA GLY B 95 -9.22 3.39 5.04
C GLY B 95 -8.96 4.43 3.98
N TRP B 96 -9.64 5.58 4.10
CA TRP B 96 -9.59 6.69 3.13
C TRP B 96 -8.34 7.56 3.27
N THR B 97 -7.34 7.15 4.04
CA THR B 97 -6.21 8.05 4.36
C THR B 97 -5.56 8.64 3.11
N LEU B 98 -5.38 7.84 2.06
CA LEU B 98 -4.68 8.30 0.85
C LEU B 98 -5.65 8.67 -0.28
N ASP B 99 -6.80 9.25 0.06
CA ASP B 99 -7.81 9.61 -0.93
C ASP B 99 -8.37 10.99 -0.60
N ILE B 100 -8.55 11.83 -1.62
CA ILE B 100 -9.05 13.19 -1.46
C ILE B 100 -10.54 13.23 -1.81
N ASN B 101 -11.36 13.65 -0.86
CA ASN B 101 -12.78 13.98 -1.07
C ASN B 101 -13.54 12.88 -1.82
N TYR B 102 -13.31 11.64 -1.40
CA TYR B 102 -14.02 10.46 -1.90
C TYR B 102 -13.83 10.29 -3.41
N GLY B 103 -12.59 10.02 -3.78
CA GLY B 103 -12.33 9.46 -5.11
C GLY B 103 -11.14 9.99 -5.87
N ASN B 104 -10.44 11.01 -5.35
CA ASN B 104 -9.28 11.58 -6.04
C ASN B 104 -9.63 12.09 -7.45
N ILE B 105 -10.81 12.69 -7.61
CA ILE B 105 -11.24 13.02 -8.97
C ILE B 105 -10.57 14.27 -9.55
N TYR B 106 -10.11 15.22 -8.73
CA TYR B 106 -9.55 16.45 -9.33
C TYR B 106 -8.25 16.13 -10.06
N PRO B 107 -8.18 16.34 -11.37
CA PRO B 107 -6.95 15.97 -12.11
C PRO B 107 -5.84 16.97 -11.82
N ASN B 108 -4.61 16.45 -11.73
CA ASN B 108 -3.43 17.28 -11.53
C ASN B 108 -3.49 18.07 -10.23
N ARG B 109 -4.10 17.47 -9.21
CA ARG B 109 -4.16 18.03 -7.87
C ARG B 109 -3.80 16.94 -6.87
N PHE B 110 -3.21 17.35 -5.74
CA PHE B 110 -2.89 16.47 -4.62
C PHE B 110 -2.11 15.23 -5.06
N PHE B 111 -2.69 14.03 -4.99
CA PHE B 111 -1.94 12.84 -5.42
C PHE B 111 -1.97 12.59 -6.91
N MET B 112 -2.86 13.23 -7.66
CA MET B 112 -3.10 12.90 -9.07
C MET B 112 -2.30 13.80 -10.01
N LEU B 113 -1.02 14.04 -9.71
CA LEU B 113 -0.27 14.98 -10.54
C LEU B 113 0.00 14.38 -11.92
N TRP B 114 -0.09 15.23 -12.94
CA TRP B 114 0.10 14.79 -14.33
C TRP B 114 1.57 14.79 -14.74
N SER B 115 2.44 15.41 -13.95
CA SER B 115 3.89 15.33 -14.10
C SER B 115 4.48 14.90 -12.77
N GLY B 116 5.59 14.18 -12.84
CA GLY B 116 6.30 13.80 -11.64
C GLY B 116 7.29 14.82 -11.13
N GLU B 117 7.50 15.94 -11.84
CA GLU B 117 8.65 16.80 -11.60
C GLU B 117 8.71 17.33 -10.17
N THR B 118 7.57 17.67 -9.57
CA THR B 118 7.57 18.27 -8.23
C THR B 118 7.51 17.26 -7.09
N MET B 119 7.36 15.97 -7.37
CA MET B 119 7.21 15.00 -6.29
C MET B 119 8.53 14.82 -5.55
N THR B 120 8.43 14.52 -4.25
CA THR B 120 9.65 14.36 -3.45
C THR B 120 10.52 13.23 -3.98
N ASN B 121 9.88 12.14 -4.44
CA ASN B 121 10.64 11.01 -4.96
C ASN B 121 11.40 11.37 -6.22
N THR B 122 10.77 12.10 -7.13
CA THR B 122 11.45 12.53 -8.35
C THR B 122 12.63 13.45 -8.03
N GLN B 123 12.44 14.37 -7.06
CA GLN B 123 13.52 15.27 -6.67
C GLN B 123 14.70 14.49 -6.09
N LEU B 124 14.41 13.49 -5.25
CA LEU B 124 15.50 12.71 -4.64
C LEU B 124 16.29 11.96 -5.71
N TRP B 125 15.60 11.47 -6.74
CA TRP B 125 16.22 10.65 -7.77
C TRP B 125 16.74 11.44 -8.95
N ALA B 126 16.55 12.76 -8.95
CA ALA B 126 16.92 13.58 -10.09
C ALA B 126 18.34 13.34 -10.62
N PRO B 127 19.38 13.15 -9.80
CA PRO B 127 20.72 12.97 -10.37
C PRO B 127 20.85 11.78 -11.32
N VAL B 128 20.01 10.76 -11.17
CA VAL B 128 20.10 9.61 -12.07
C VAL B 128 19.55 9.95 -13.44
N GLY B 129 18.62 10.90 -13.53
CA GLY B 129 18.10 11.31 -14.81
C GLY B 129 17.15 10.36 -15.49
N LEU B 130 16.48 9.48 -14.73
CA LEU B 130 15.60 8.49 -15.35
C LEU B 130 14.40 9.15 -16.03
N ASP B 131 13.87 10.22 -15.45
CA ASP B 131 12.72 10.87 -16.07
C ASP B 131 13.10 11.80 -17.20
N ARG B 132 14.39 12.12 -17.37
CA ARG B 132 14.83 12.98 -18.48
C ARG B 132 15.49 12.22 -19.61
N ARG B 133 15.89 10.98 -19.37
CA ARG B 133 16.57 10.14 -20.34
C ARG B 133 15.56 9.58 -21.34
N PRO B 134 15.86 9.62 -22.64
CA PRO B 134 14.96 9.00 -23.63
C PRO B 134 14.77 7.53 -23.34
N PRO B 135 13.67 6.93 -23.79
CA PRO B 135 13.44 5.50 -23.54
C PRO B 135 14.53 4.64 -24.13
N ASP B 136 14.95 3.63 -23.37
CA ASP B 136 15.84 2.62 -23.90
C ASP B 136 15.09 1.43 -24.50
N THR B 137 13.77 1.37 -24.30
CA THR B 137 12.93 0.30 -24.86
C THR B 137 11.71 0.94 -25.50
N THR B 138 11.50 0.63 -26.78
CA THR B 138 10.32 1.07 -27.53
C THR B 138 9.47 -0.10 -28.03
N ASP B 139 9.93 -1.33 -27.87
CA ASP B 139 9.22 -2.56 -28.24
C ASP B 139 7.97 -2.74 -27.39
N PRO B 140 6.77 -2.68 -27.98
CA PRO B 140 5.55 -2.81 -27.14
C PRO B 140 5.42 -4.16 -26.45
N VAL B 141 6.01 -5.23 -26.99
CA VAL B 141 5.93 -6.52 -26.31
C VAL B 141 6.70 -6.47 -24.99
N GLU B 142 7.97 -6.05 -25.03
CA GLU B 142 8.77 -5.97 -23.81
C GLU B 142 8.20 -4.95 -22.83
N LEU B 143 7.72 -3.82 -23.34
CA LEU B 143 7.14 -2.81 -22.47
C LEU B 143 5.91 -3.33 -21.76
N THR B 144 5.07 -4.10 -22.47
CA THR B 144 3.87 -4.66 -21.86
C THR B 144 4.23 -5.61 -20.72
N ASN B 145 5.27 -6.43 -20.91
CA ASN B 145 5.69 -7.31 -19.83
C ASN B 145 6.26 -6.52 -18.65
N TYR B 146 7.10 -5.52 -18.92
CA TYR B 146 7.66 -4.69 -17.85
C TYR B 146 6.57 -3.99 -17.05
N VAL B 147 5.64 -3.32 -17.76
CA VAL B 147 4.68 -2.48 -17.04
C VAL B 147 3.67 -3.33 -16.29
N LYS B 148 3.35 -4.53 -16.78
CA LYS B 148 2.42 -5.38 -16.04
C LYS B 148 3.08 -5.96 -14.80
N PHE B 149 4.36 -6.35 -14.89
CA PHE B 149 5.09 -6.75 -13.69
C PHE B 149 5.07 -5.63 -12.65
N ALA B 150 5.37 -4.39 -13.08
CA ALA B 150 5.34 -3.24 -12.19
C ALA B 150 3.94 -3.05 -11.60
N ALA B 151 2.91 -3.25 -12.42
CA ALA B 151 1.53 -3.05 -11.93
C ALA B 151 1.21 -4.03 -10.80
N ARG B 152 1.73 -5.25 -10.89
CA ARG B 152 1.49 -6.22 -9.81
C ARG B 152 2.25 -5.82 -8.56
N MET B 153 3.51 -5.37 -8.71
CA MET B 153 4.24 -4.84 -7.56
C MET B 153 3.49 -3.70 -6.91
N ALA B 154 2.81 -2.89 -7.72
CA ALA B 154 2.09 -1.69 -7.26
C ALA B 154 0.72 -1.99 -6.69
N GLY B 155 0.35 -3.26 -6.56
CA GLY B 155 -0.87 -3.64 -5.86
C GLY B 155 -2.07 -3.99 -6.70
N ALA B 156 -1.93 -4.05 -8.03
CA ALA B 156 -3.03 -4.53 -8.86
C ALA B 156 -3.17 -6.04 -8.72
N ASP B 157 -4.41 -6.49 -8.52
CA ASP B 157 -4.74 -7.90 -8.61
C ASP B 157 -5.02 -8.32 -10.06
N LEU B 158 -5.53 -7.40 -10.87
CA LEU B 158 -5.75 -7.59 -12.30
C LEU B 158 -5.16 -6.40 -13.03
N VAL B 159 -4.64 -6.63 -14.24
CA VAL B 159 -4.17 -5.53 -15.08
C VAL B 159 -4.44 -5.86 -16.55
N GLY B 160 -4.87 -4.83 -17.29
CA GLY B 160 -5.09 -4.96 -18.72
C GLY B 160 -4.73 -3.66 -19.42
N VAL B 161 -4.58 -3.76 -20.75
CA VAL B 161 -4.21 -2.64 -21.60
C VAL B 161 -5.23 -2.52 -22.73
N ALA B 162 -5.65 -1.29 -23.02
CA ALA B 162 -6.49 -1.00 -24.18
C ALA B 162 -5.95 0.23 -24.89
N ARG B 163 -6.23 0.34 -26.20
CA ARG B 163 -6.15 1.66 -26.82
C ARG B 163 -7.15 2.57 -26.14
N LEU B 164 -6.79 3.85 -26.01
CA LEU B 164 -7.62 4.83 -25.31
C LEU B 164 -8.79 5.23 -26.19
N ASN B 165 -10.00 4.87 -25.76
CA ASN B 165 -11.22 5.31 -26.44
C ASN B 165 -11.64 6.63 -25.82
N ARG B 166 -11.55 7.73 -26.58
CA ARG B 166 -11.86 9.04 -26.03
C ARG B 166 -13.33 9.23 -25.73
N ASN B 167 -14.22 8.34 -26.20
CA ASN B 167 -15.64 8.45 -25.87
C ASN B 167 -15.88 8.37 -24.37
N TRP B 168 -14.98 7.74 -23.63
CA TRP B 168 -15.16 7.52 -22.20
C TRP B 168 -14.35 8.49 -21.34
N VAL B 169 -13.55 9.36 -21.96
CA VAL B 169 -12.91 10.47 -21.26
C VAL B 169 -13.95 11.55 -21.01
N TYR B 170 -13.99 12.07 -19.78
CA TYR B 170 -14.97 13.11 -19.46
C TYR B 170 -14.75 14.31 -20.38
N SER B 171 -15.84 14.94 -20.82
CA SER B 171 -15.68 16.12 -21.66
C SER B 171 -15.09 17.27 -20.87
N GLU B 172 -15.50 17.40 -19.61
CA GLU B 172 -14.98 18.38 -18.67
C GLU B 172 -14.82 17.69 -17.32
N ALA B 173 -13.75 18.04 -16.62
CA ALA B 173 -13.48 17.48 -15.30
C ALA B 173 -14.04 18.38 -14.21
N VAL B 174 -14.31 17.78 -13.05
CA VAL B 174 -14.55 18.53 -11.83
C VAL B 174 -13.20 18.67 -11.12
N THR B 175 -12.82 19.92 -10.81
CA THR B 175 -11.52 20.14 -10.19
C THR B 175 -11.63 21.36 -9.27
N ILE B 176 -10.49 21.88 -8.86
CA ILE B 176 -10.40 23.12 -8.07
C ILE B 176 -9.29 23.99 -8.65
N PRO B 177 -9.34 25.30 -8.41
CA PRO B 177 -8.19 26.14 -8.80
C PRO B 177 -6.92 25.65 -8.12
N ALA B 178 -5.79 25.82 -8.82
CA ALA B 178 -4.54 25.18 -8.40
C ALA B 178 -4.06 25.68 -7.04
N ASP B 179 -4.28 26.95 -6.72
CA ASP B 179 -3.76 27.53 -5.48
C ASP B 179 -4.79 27.51 -4.33
N VAL B 180 -5.90 26.82 -4.48
CA VAL B 180 -6.88 26.74 -3.40
C VAL B 180 -6.40 25.68 -2.40
N PRO B 181 -6.38 26.00 -1.10
CA PRO B 181 -5.93 25.02 -0.11
C PRO B 181 -7.02 23.97 0.16
N TYR B 182 -6.58 22.83 0.70
CA TYR B 182 -7.49 21.71 0.88
C TYR B 182 -8.76 22.12 1.63
N GLU B 183 -8.62 22.91 2.68
CA GLU B 183 -9.76 23.21 3.55
C GLU B 183 -10.88 23.95 2.83
N GLN B 184 -10.60 24.55 1.67
CA GLN B 184 -11.65 25.20 0.90
C GLN B 184 -12.00 24.45 -0.39
N SER B 185 -11.46 23.25 -0.57
CA SER B 185 -11.63 22.55 -1.85
C SER B 185 -13.09 22.22 -2.14
N LEU B 186 -13.80 21.65 -1.16
CA LEU B 186 -15.19 21.24 -1.39
C LEU B 186 -16.08 22.42 -1.77
N HIS B 187 -15.80 23.61 -1.26
CA HIS B 187 -16.59 24.80 -1.54
C HIS B 187 -16.17 25.54 -2.80
N LYS B 188 -15.10 25.09 -3.48
CA LYS B 188 -14.57 25.83 -4.63
C LYS B 188 -14.34 24.90 -5.81
N GLU B 189 -15.15 23.86 -5.93
CA GLU B 189 -15.06 22.99 -7.09
C GLU B 189 -15.56 23.71 -8.34
N ILE B 190 -14.86 23.47 -9.46
CA ILE B 190 -15.13 24.09 -10.74
C ILE B 190 -15.11 23.01 -11.81
N GLU B 191 -15.55 23.39 -13.01
CA GLU B 191 -15.54 22.52 -14.18
C GLU B 191 -14.45 22.99 -15.13
N LYS B 192 -13.76 22.04 -15.77
CA LYS B 192 -12.64 22.37 -16.65
C LYS B 192 -12.52 21.39 -17.82
N PRO B 193 -12.48 21.87 -19.06
CA PRO B 193 -12.46 20.95 -20.20
C PRO B 193 -11.20 20.10 -20.25
N ILE B 194 -11.37 18.86 -20.71
CA ILE B 194 -10.27 17.97 -21.05
C ILE B 194 -10.22 17.89 -22.57
N VAL B 195 -9.09 18.30 -23.14
CA VAL B 195 -8.97 18.37 -24.59
C VAL B 195 -7.70 17.66 -25.03
N PHE B 196 -7.69 17.24 -26.29
CA PHE B 196 -6.55 16.55 -26.88
C PHE B 196 -5.92 17.44 -27.93
N LYS B 197 -4.61 17.65 -27.84
CA LYS B 197 -3.91 18.57 -28.73
C LYS B 197 -2.54 18.00 -29.08
N ASP B 198 -1.95 18.55 -30.14
CA ASP B 198 -0.59 18.17 -30.54
C ASP B 198 0.38 18.92 -29.65
N VAL B 199 0.69 18.32 -28.50
CA VAL B 199 1.66 18.87 -27.55
C VAL B 199 2.55 17.72 -27.09
N PRO B 200 3.77 18.03 -26.61
CA PRO B 200 4.68 16.94 -26.23
C PRO B 200 4.28 16.21 -24.96
N LEU B 201 3.74 16.91 -23.98
CA LEU B 201 3.52 16.39 -22.62
C LEU B 201 2.14 16.81 -22.11
N PRO B 202 1.53 16.00 -21.24
CA PRO B 202 0.29 16.45 -20.59
C PRO B 202 0.56 17.75 -19.86
N ILE B 203 -0.39 18.67 -19.95
CA ILE B 203 -0.17 20.02 -19.46
C ILE B 203 -1.50 20.63 -19.09
N GLU B 204 -1.52 21.40 -18.01
CA GLU B 204 -2.70 22.14 -17.59
C GLU B 204 -2.45 23.63 -17.75
N THR B 205 -3.37 24.31 -18.45
CA THR B 205 -3.36 25.76 -18.54
C THR B 205 -4.46 26.33 -17.65
N ASP B 206 -4.57 27.66 -17.63
CA ASP B 206 -5.64 28.29 -16.87
C ASP B 206 -7.01 27.81 -17.35
N ASP B 207 -7.11 27.47 -18.63
CA ASP B 207 -8.39 27.16 -19.26
C ASP B 207 -8.64 25.69 -19.51
N GLU B 208 -7.59 24.86 -19.65
CA GLU B 208 -7.79 23.51 -20.18
C GLU B 208 -6.85 22.50 -19.52
N LEU B 209 -7.36 21.29 -19.35
CA LEU B 209 -6.54 20.11 -19.13
C LEU B 209 -6.24 19.49 -20.50
N ILE B 210 -4.95 19.46 -20.86
CA ILE B 210 -4.54 19.09 -22.22
C ILE B 210 -3.83 17.74 -22.18
N ILE B 211 -4.45 16.75 -22.80
CA ILE B 211 -3.84 15.43 -22.99
C ILE B 211 -3.24 15.39 -24.39
N PRO B 212 -2.00 14.92 -24.56
CA PRO B 212 -1.41 14.89 -25.90
C PRO B 212 -2.12 13.91 -26.82
N ASN B 213 -2.14 14.24 -28.11
CA ASN B 213 -2.65 13.30 -29.10
C ASN B 213 -1.85 12.01 -29.13
N THR B 214 -0.61 12.03 -28.63
CA THR B 214 0.22 10.82 -28.56
C THR B 214 -0.21 9.88 -27.45
N CYS B 215 -1.21 10.24 -26.64
CA CYS B 215 -1.62 9.41 -25.50
C CYS B 215 -2.47 8.25 -26.02
N GLU B 216 -1.77 7.20 -26.44
CA GLU B 216 -2.39 6.13 -27.22
C GLU B 216 -3.15 5.12 -26.36
N ASN B 217 -2.72 4.89 -25.11
CA ASN B 217 -3.10 3.70 -24.38
C ASN B 217 -3.62 4.03 -22.99
N VAL B 218 -4.42 3.09 -22.45
CA VAL B 218 -4.84 3.16 -21.04
C VAL B 218 -4.53 1.82 -20.39
N ILE B 219 -3.90 1.88 -19.21
CA ILE B 219 -3.62 0.70 -18.41
C ILE B 219 -4.65 0.66 -17.29
N VAL B 220 -5.41 -0.43 -17.18
CA VAL B 220 -6.49 -0.54 -16.21
C VAL B 220 -6.13 -1.57 -15.15
N ALA B 221 -6.28 -1.19 -13.88
CA ALA B 221 -6.01 -2.09 -12.75
C ALA B 221 -7.31 -2.45 -12.03
N GLY B 222 -7.38 -3.70 -11.60
CA GLY B 222 -8.42 -4.18 -10.69
C GLY B 222 -7.82 -4.40 -9.31
N ILE B 223 -8.49 -3.87 -8.30
CA ILE B 223 -8.01 -3.87 -6.92
C ILE B 223 -9.07 -4.61 -6.10
N ALA B 224 -8.78 -5.85 -5.71
CA ALA B 224 -9.82 -6.72 -5.16
C ALA B 224 -10.25 -6.30 -3.77
N MET B 225 -11.57 -6.27 -3.53
CA MET B 225 -12.08 -6.00 -2.20
C MET B 225 -12.23 -7.31 -1.43
N ASN B 226 -12.52 -7.20 -0.13
CA ASN B 226 -12.61 -8.38 0.73
C ASN B 226 -14.03 -8.93 0.72
N ARG B 227 -14.16 -10.23 0.47
CA ARG B 227 -15.49 -10.82 0.28
C ARG B 227 -16.29 -10.84 1.58
N GLU B 228 -15.67 -11.26 2.69
CA GLU B 228 -16.37 -11.28 3.97
C GLU B 228 -16.92 -9.91 4.33
N MET B 229 -16.09 -8.88 4.16
CA MET B 229 -16.50 -7.52 4.51
C MET B 229 -17.58 -7.00 3.56
N MET B 230 -17.45 -7.24 2.26
CA MET B 230 -18.47 -6.74 1.34
C MET B 230 -19.82 -7.42 1.58
N GLN B 231 -19.80 -8.67 2.05
N GLN B 231 -19.81 -8.66 2.04
CA GLN B 231 -21.05 -9.39 2.31
CA GLN B 231 -21.10 -9.32 2.25
C GLN B 231 -21.86 -8.76 3.44
C GLN B 231 -21.86 -8.78 3.45
N THR B 232 -21.28 -7.84 4.20
CA THR B 232 -22.02 -7.12 5.24
C THR B 232 -22.74 -5.88 4.70
N ALA B 233 -22.64 -5.61 3.40
CA ALA B 233 -23.37 -4.49 2.82
C ALA B 233 -24.84 -4.54 3.24
N PRO B 234 -25.45 -3.40 3.57
CA PRO B 234 -24.94 -2.03 3.47
C PRO B 234 -24.27 -1.50 4.74
N ASN B 235 -23.75 -2.38 5.59
CA ASN B 235 -23.27 -1.98 6.91
C ASN B 235 -21.80 -1.58 6.85
N SER B 236 -21.23 -1.28 8.02
CA SER B 236 -19.97 -0.52 8.09
C SER B 236 -18.78 -1.29 7.53
N MET B 237 -18.73 -2.61 7.65
CA MET B 237 -17.51 -3.28 7.18
C MET B 237 -17.43 -3.30 5.65
N ALA B 238 -18.57 -3.24 4.96
CA ALA B 238 -18.55 -3.05 3.52
C ALA B 238 -17.96 -1.69 3.16
N CYS B 239 -18.26 -0.69 3.98
CA CYS B 239 -17.67 0.64 3.77
C CYS B 239 -16.17 0.59 3.97
N ALA B 240 -15.70 -0.22 4.93
CA ALA B 240 -14.28 -0.25 5.24
C ALA B 240 -13.46 -0.88 4.11
N THR B 241 -13.94 -1.97 3.50
CA THR B 241 -13.16 -2.55 2.41
C THR B 241 -13.19 -1.64 1.19
N THR B 242 -14.31 -0.95 0.96
CA THR B 242 -14.37 0.09 -0.06
C THR B 242 -13.27 1.14 0.17
N ALA B 243 -13.20 1.66 1.40
CA ALA B 243 -12.30 2.77 1.69
C ALA B 243 -10.85 2.35 1.53
N PHE B 244 -10.48 1.21 2.13
CA PHE B 244 -9.08 0.78 2.04
C PHE B 244 -8.66 0.61 0.59
N CYS B 245 -9.57 0.09 -0.26
CA CYS B 245 -9.18 -0.10 -1.65
C CYS B 245 -9.03 1.22 -2.41
N TYR B 246 -9.72 2.29 -2.00
CA TYR B 246 -9.47 3.59 -2.63
C TYR B 246 -8.06 4.08 -2.34
N SER B 247 -7.55 3.85 -1.13
CA SER B 247 -6.16 4.23 -0.87
C SER B 247 -5.20 3.32 -1.64
N ARG B 248 -5.53 2.03 -1.77
CA ARG B 248 -4.73 1.17 -2.63
C ARG B 248 -4.70 1.66 -4.06
N MET B 249 -5.84 2.14 -4.57
CA MET B 249 -5.87 2.69 -5.93
C MET B 249 -4.90 3.85 -6.07
N CYS B 250 -4.90 4.75 -5.10
CA CYS B 250 -4.05 5.93 -5.19
C CYS B 250 -2.59 5.55 -5.23
N MET B 251 -2.19 4.62 -4.35
CA MET B 251 -0.81 4.20 -4.34
C MET B 251 -0.43 3.50 -5.65
N PHE B 252 -1.35 2.70 -6.20
CA PHE B 252 -1.10 2.08 -7.50
C PHE B 252 -0.81 3.13 -8.57
N ASP B 253 -1.69 4.13 -8.68
CA ASP B 253 -1.52 5.16 -9.70
C ASP B 253 -0.17 5.85 -9.56
N MET B 254 0.21 6.23 -8.33
CA MET B 254 1.47 6.95 -8.15
C MET B 254 2.66 6.06 -8.47
N TRP B 255 2.68 4.85 -7.92
CA TRP B 255 3.77 3.92 -8.22
C TRP B 255 3.92 3.70 -9.71
N LEU B 256 2.80 3.44 -10.40
CA LEU B 256 2.90 3.05 -11.80
C LEU B 256 3.27 4.25 -12.68
N CYS B 257 2.68 5.43 -12.40
CA CYS B 257 3.07 6.62 -13.13
C CYS B 257 4.56 6.90 -12.98
N GLN B 258 5.11 6.75 -11.77
CA GLN B 258 6.53 6.96 -11.60
C GLN B 258 7.35 5.96 -12.40
N PHE B 259 6.95 4.68 -12.39
CA PHE B 259 7.68 3.69 -13.17
C PHE B 259 7.69 4.06 -14.65
N ILE B 260 6.53 4.44 -15.18
CA ILE B 260 6.42 4.81 -16.59
C ILE B 260 7.26 6.04 -16.90
N ARG B 261 7.24 7.04 -16.00
CA ARG B 261 8.05 8.23 -16.20
C ARG B 261 9.53 7.89 -16.20
N TYR B 262 9.95 7.03 -15.28
CA TYR B 262 11.35 6.63 -15.18
C TYR B 262 11.80 5.74 -16.33
N MET B 263 10.87 5.20 -17.10
CA MET B 263 11.16 4.47 -18.32
C MET B 263 11.28 5.39 -19.53
N GLY B 264 11.02 6.69 -19.37
CA GLY B 264 11.14 7.64 -20.45
C GLY B 264 9.85 8.07 -21.12
N TYR B 265 8.68 7.72 -20.56
CA TYR B 265 7.40 8.08 -21.14
C TYR B 265 6.64 8.99 -20.17
N TYR B 266 5.48 9.48 -20.58
CA TYR B 266 4.64 10.20 -19.63
C TYR B 266 3.47 9.34 -19.17
N ALA B 267 2.83 9.77 -18.09
CA ALA B 267 1.76 8.97 -17.49
C ALA B 267 0.82 9.89 -16.73
N ILE B 268 -0.49 9.67 -16.91
CA ILE B 268 -1.55 10.45 -16.28
C ILE B 268 -2.29 9.53 -15.32
N PRO B 269 -2.25 9.78 -14.02
CA PRO B 269 -3.06 9.01 -13.06
C PRO B 269 -4.50 9.47 -13.11
N SER B 270 -5.38 8.73 -12.41
CA SER B 270 -6.78 9.17 -12.45
C SER B 270 -7.67 8.73 -11.30
N CYS B 271 -7.50 7.52 -10.78
CA CYS B 271 -8.42 7.00 -9.76
C CYS B 271 -9.87 7.16 -10.27
N ASN B 272 -10.74 7.89 -9.55
CA ASN B 272 -12.14 8.01 -10.02
C ASN B 272 -12.34 9.16 -11.00
N GLY B 273 -11.30 9.90 -11.34
CA GLY B 273 -11.41 11.01 -12.27
C GLY B 273 -11.10 10.65 -13.71
N VAL B 274 -11.07 11.69 -14.54
CA VAL B 274 -10.64 11.70 -15.95
C VAL B 274 -11.59 10.98 -16.90
N GLY B 275 -12.01 9.76 -16.57
CA GLY B 275 -12.93 9.05 -17.46
C GLY B 275 -13.60 7.88 -16.79
N GLN B 276 -14.44 7.16 -17.56
CA GLN B 276 -15.34 6.15 -17.01
C GLN B 276 -14.62 4.81 -16.93
N SER B 277 -14.27 4.42 -15.69
CA SER B 277 -13.45 3.22 -15.46
C SER B 277 -14.09 1.95 -16.02
N VAL B 278 -15.41 1.80 -15.87
CA VAL B 278 -16.04 0.55 -16.28
C VAL B 278 -15.86 0.31 -17.78
N ALA B 279 -16.02 1.37 -18.57
CA ALA B 279 -15.83 1.22 -20.01
C ALA B 279 -14.38 0.86 -20.34
N PHE B 280 -13.41 1.54 -19.71
CA PHE B 280 -12.01 1.20 -19.96
C PHE B 280 -11.70 -0.25 -19.58
N ALA B 281 -12.23 -0.69 -18.43
CA ALA B 281 -11.99 -2.04 -17.96
C ALA B 281 -12.55 -3.08 -18.91
N VAL B 282 -13.72 -2.81 -19.51
CA VAL B 282 -14.28 -3.76 -20.47
C VAL B 282 -13.41 -3.81 -21.71
N GLU B 283 -12.99 -2.65 -22.21
CA GLU B 283 -12.18 -2.63 -23.42
C GLU B 283 -10.80 -3.24 -23.20
N ALA B 284 -10.28 -3.20 -21.96
CA ALA B 284 -8.99 -3.80 -21.67
C ALA B 284 -9.07 -5.28 -21.28
N GLY B 285 -10.25 -5.88 -21.29
CA GLY B 285 -10.39 -7.31 -21.07
C GLY B 285 -10.48 -7.76 -19.62
N LEU B 286 -10.66 -6.84 -18.67
CA LEU B 286 -10.78 -7.26 -17.28
C LEU B 286 -12.07 -8.03 -17.03
N GLY B 287 -13.14 -7.68 -17.73
CA GLY B 287 -14.41 -8.32 -17.49
C GLY B 287 -15.47 -7.77 -18.41
N GLN B 288 -16.73 -8.03 -18.07
CA GLN B 288 -17.87 -7.61 -18.87
C GLN B 288 -18.77 -6.71 -18.04
N ALA B 289 -19.40 -5.76 -18.73
CA ALA B 289 -20.36 -4.89 -18.06
C ALA B 289 -21.62 -5.69 -17.72
N SER B 290 -22.30 -5.25 -16.66
CA SER B 290 -23.38 -6.03 -16.04
C SER B 290 -24.63 -5.17 -15.87
N ARG B 291 -25.72 -5.81 -15.39
CA ARG B 291 -26.98 -5.11 -15.15
C ARG B 291 -26.82 -4.01 -14.12
N MET B 292 -26.08 -4.29 -13.04
CA MET B 292 -25.88 -3.27 -12.00
C MET B 292 -25.07 -2.10 -12.51
N GLY B 293 -24.29 -2.29 -13.59
CA GLY B 293 -23.48 -1.24 -14.16
C GLY B 293 -22.01 -1.39 -13.91
N ALA B 294 -21.59 -2.44 -13.21
CA ALA B 294 -20.19 -2.67 -12.88
C ALA B 294 -19.55 -3.62 -13.89
N CYS B 295 -18.22 -3.57 -13.96
CA CYS B 295 -17.44 -4.56 -14.68
C CYS B 295 -17.35 -5.81 -13.80
N ILE B 296 -17.86 -6.93 -14.30
CA ILE B 296 -17.82 -8.21 -13.61
C ILE B 296 -16.61 -8.99 -14.13
N THR B 297 -15.72 -9.39 -13.21
CA THR B 297 -14.51 -10.12 -13.60
C THR B 297 -14.66 -11.61 -13.29
N PRO B 298 -13.93 -12.48 -13.98
CA PRO B 298 -14.04 -13.90 -13.62
C PRO B 298 -13.51 -14.19 -12.21
N GLU B 299 -12.46 -13.49 -11.80
CA GLU B 299 -11.79 -13.78 -10.53
C GLU B 299 -12.59 -13.29 -9.32
N PHE B 300 -13.22 -12.12 -9.43
CA PHE B 300 -13.82 -11.46 -8.29
C PHE B 300 -15.28 -11.10 -8.50
N GLY B 301 -15.83 -11.38 -9.67
CA GLY B 301 -17.10 -10.80 -10.04
C GLY B 301 -16.98 -9.29 -10.03
N PRO B 302 -18.02 -8.60 -9.56
CA PRO B 302 -17.94 -7.14 -9.45
C PRO B 302 -17.30 -6.63 -8.17
N ASN B 303 -16.84 -7.52 -7.28
CA ASN B 303 -16.29 -7.12 -5.99
C ASN B 303 -14.82 -6.73 -6.13
N VAL B 304 -14.58 -5.72 -6.96
CA VAL B 304 -13.23 -5.30 -7.29
C VAL B 304 -13.29 -3.83 -7.70
N ARG B 305 -12.32 -3.05 -7.24
CA ARG B 305 -12.27 -1.64 -7.60
C ARG B 305 -11.39 -1.46 -8.83
N LEU B 306 -11.61 -0.34 -9.53
CA LEU B 306 -10.89 -0.04 -10.75
C LEU B 306 -10.16 1.29 -10.65
N THR B 307 -8.95 1.34 -11.22
CA THR B 307 -8.28 2.59 -11.49
C THR B 307 -7.57 2.46 -12.84
N LYS B 308 -7.00 3.57 -13.32
CA LYS B 308 -6.40 3.51 -14.65
C LYS B 308 -5.38 4.64 -14.81
N VAL B 309 -4.45 4.40 -15.74
CA VAL B 309 -3.33 5.28 -16.04
C VAL B 309 -3.26 5.42 -17.56
N PHE B 310 -3.11 6.65 -18.05
CA PHE B 310 -3.04 6.92 -19.48
C PHE B 310 -1.60 7.21 -19.89
N THR B 311 -1.17 6.65 -21.02
CA THR B 311 0.24 6.78 -21.37
C THR B 311 0.48 6.70 -22.88
N ASN B 312 1.58 7.32 -23.30
CA ASN B 312 2.14 7.16 -24.64
C ASN B 312 3.10 5.98 -24.75
N MET B 313 3.39 5.29 -23.64
CA MET B 313 4.24 4.10 -23.73
C MET B 313 3.64 3.10 -24.71
N PRO B 314 4.42 2.63 -25.70
CA PRO B 314 3.92 1.59 -26.62
C PRO B 314 3.59 0.31 -25.86
N LEU B 315 2.42 -0.26 -26.16
CA LEU B 315 1.93 -1.44 -25.46
C LEU B 315 1.11 -2.30 -26.42
N VAL B 316 0.94 -3.56 -26.07
CA VAL B 316 0.09 -4.49 -26.81
C VAL B 316 -1.27 -4.53 -26.13
N PRO B 317 -2.34 -4.11 -26.81
CA PRO B 317 -3.66 -4.17 -26.15
C PRO B 317 -4.10 -5.60 -25.90
N ASP B 318 -4.83 -5.78 -24.80
CA ASP B 318 -5.37 -7.09 -24.49
C ASP B 318 -6.68 -7.30 -25.25
N LYS B 319 -7.08 -8.57 -25.34
CA LYS B 319 -8.33 -8.88 -26.01
C LYS B 319 -9.50 -8.74 -25.03
N PRO B 320 -10.63 -8.20 -25.47
CA PRO B 320 -11.84 -8.28 -24.64
C PRO B 320 -12.21 -9.74 -24.38
N ILE B 321 -12.94 -9.95 -23.30
CA ILE B 321 -13.34 -11.30 -22.92
C ILE B 321 -14.85 -11.39 -22.88
N ASP B 322 -15.36 -12.59 -23.15
CA ASP B 322 -16.78 -12.88 -23.13
C ASP B 322 -16.96 -14.23 -22.44
N PHE B 323 -17.41 -14.21 -21.18
CA PHE B 323 -17.69 -15.44 -20.47
C PHE B 323 -19.16 -15.55 -20.07
N GLY B 324 -20.03 -14.91 -20.85
CA GLY B 324 -21.46 -15.09 -20.73
C GLY B 324 -22.18 -14.16 -19.78
N VAL B 325 -21.52 -13.07 -19.34
CA VAL B 325 -22.15 -12.19 -18.35
C VAL B 325 -23.43 -11.56 -18.93
N THR B 326 -23.39 -11.12 -20.18
CA THR B 326 -24.55 -10.43 -20.75
C THR B 326 -25.78 -11.32 -20.74
N GLU B 327 -25.60 -12.58 -21.16
CA GLU B 327 -26.73 -13.51 -21.18
C GLU B 327 -27.17 -13.90 -19.78
N PHE B 328 -26.24 -13.94 -18.82
CA PHE B 328 -26.62 -14.25 -17.45
C PHE B 328 -27.42 -13.12 -16.84
N CYS B 329 -26.99 -11.87 -17.05
CA CYS B 329 -27.73 -10.73 -16.50
C CYS B 329 -29.11 -10.59 -17.14
N GLU B 330 -29.28 -11.07 -18.38
CA GLU B 330 -30.56 -10.91 -19.06
C GLU B 330 -31.69 -11.57 -18.29
N THR B 331 -31.41 -12.65 -17.57
CA THR B 331 -32.44 -13.38 -16.84
C THR B 331 -32.26 -13.38 -15.32
N CYS B 332 -31.19 -12.76 -14.78
CA CYS B 332 -30.91 -12.89 -13.36
C CYS B 332 -31.75 -11.93 -12.49
N LYS B 333 -31.49 -10.64 -12.61
CA LYS B 333 -32.23 -9.56 -11.93
C LYS B 333 -32.08 -9.55 -10.40
N LYS B 334 -31.14 -10.30 -9.83
CA LYS B 334 -31.05 -10.41 -8.38
C LYS B 334 -30.63 -9.09 -7.74
N CYS B 335 -29.66 -8.40 -8.34
CA CYS B 335 -29.27 -7.08 -7.83
C CYS B 335 -30.45 -6.11 -7.85
N ALA B 336 -31.24 -6.15 -8.92
CA ALA B 336 -32.37 -5.24 -9.05
C ALA B 336 -33.44 -5.53 -8.00
N ARG B 337 -33.63 -6.81 -7.66
CA ARG B 337 -34.63 -7.15 -6.65
C ARG B 337 -34.15 -6.84 -5.24
N GLU B 338 -32.85 -6.86 -4.98
CA GLU B 338 -32.31 -6.62 -3.65
C GLU B 338 -31.95 -5.17 -3.40
N CYS B 339 -31.85 -4.36 -4.44
CA CYS B 339 -31.42 -2.98 -4.30
C CYS B 339 -32.36 -2.22 -3.36
N PRO B 340 -31.86 -1.64 -2.28
CA PRO B 340 -32.74 -1.00 -1.30
C PRO B 340 -33.39 0.29 -1.80
N SER B 341 -32.99 0.80 -2.96
CA SER B 341 -33.55 2.04 -3.51
C SER B 341 -34.23 1.86 -4.85
N LYS B 342 -34.34 0.63 -5.36
CA LYS B 342 -34.92 0.35 -6.69
C LYS B 342 -34.23 1.15 -7.78
N ALA B 343 -32.92 1.31 -7.65
CA ALA B 343 -32.16 2.09 -8.62
C ALA B 343 -31.86 1.30 -9.90
N ILE B 344 -31.80 -0.04 -9.82
CA ILE B 344 -31.35 -0.87 -10.92
C ILE B 344 -32.55 -1.38 -11.69
N THR B 345 -32.51 -1.24 -13.01
CA THR B 345 -33.65 -1.62 -13.83
C THR B 345 -33.77 -3.13 -13.95
N GLU B 346 -35.01 -3.59 -14.12
CA GLU B 346 -35.28 -4.98 -14.48
C GLU B 346 -35.57 -5.14 -15.97
N GLY B 347 -35.49 -4.05 -16.74
CA GLY B 347 -35.80 -4.10 -18.14
C GLY B 347 -34.58 -4.38 -19.00
N PRO B 348 -34.76 -4.34 -20.32
CA PRO B 348 -33.65 -4.62 -21.24
C PRO B 348 -32.76 -3.40 -21.44
N ARG B 349 -31.65 -3.63 -22.12
CA ARG B 349 -30.70 -2.57 -22.41
C ARG B 349 -31.23 -1.66 -23.51
N THR B 350 -30.91 -0.37 -23.40
CA THR B 350 -31.31 0.63 -24.39
C THR B 350 -30.15 1.60 -24.61
N PHE B 351 -30.34 2.53 -25.55
CA PHE B 351 -29.36 3.59 -25.82
C PHE B 351 -29.73 4.92 -25.21
N GLU B 352 -30.81 5.01 -24.43
CA GLU B 352 -31.26 6.30 -23.91
C GLU B 352 -31.18 6.29 -22.40
N GLY B 353 -30.40 7.21 -21.84
CA GLY B 353 -30.25 7.27 -20.39
C GLY B 353 -31.56 7.61 -19.71
N ARG B 354 -31.66 7.19 -18.45
CA ARG B 354 -32.84 7.51 -17.66
C ARG B 354 -32.82 8.94 -17.15
N SER B 355 -31.65 9.50 -16.89
CA SER B 355 -31.56 10.86 -16.37
C SER B 355 -30.23 11.47 -16.80
N ILE B 356 -29.97 12.68 -16.30
CA ILE B 356 -28.72 13.40 -16.58
C ILE B 356 -27.50 12.61 -16.15
N HIS B 357 -27.67 11.71 -15.16
CA HIS B 357 -26.52 10.99 -14.62
C HIS B 357 -25.99 9.92 -15.56
N ASN B 358 -26.77 9.51 -16.57
CA ASN B 358 -26.38 8.49 -17.53
C ASN B 358 -25.89 9.12 -18.83
N GLN B 359 -24.90 8.47 -19.45
CA GLN B 359 -24.43 8.84 -20.79
C GLN B 359 -25.27 8.11 -21.84
N SER B 360 -26.05 8.86 -22.61
CA SER B 360 -26.83 8.27 -23.69
C SER B 360 -25.94 7.94 -24.89
N GLY B 361 -26.43 7.04 -25.73
CA GLY B 361 -25.75 6.68 -26.96
C GLY B 361 -24.94 5.40 -26.91
N LYS B 362 -24.98 4.66 -25.80
CA LYS B 362 -24.30 3.38 -25.69
C LYS B 362 -25.28 2.35 -25.12
N LEU B 363 -25.20 1.13 -25.62
CA LEU B 363 -26.14 0.07 -25.22
C LEU B 363 -25.77 -0.41 -23.82
N GLN B 364 -26.65 -0.15 -22.86
CA GLN B 364 -26.38 -0.52 -21.47
C GLN B 364 -27.71 -0.65 -20.73
N TRP B 365 -27.65 -1.31 -19.57
CA TRP B 365 -28.76 -1.24 -18.64
C TRP B 365 -28.77 0.15 -17.99
N GLN B 366 -29.92 0.82 -18.08
CA GLN B 366 -30.05 2.21 -17.63
C GLN B 366 -30.57 2.22 -16.20
N ASN B 367 -29.73 2.66 -15.27
CA ASN B 367 -30.07 2.68 -13.85
C ASN B 367 -30.26 4.11 -13.36
N ASP B 368 -31.06 4.29 -12.30
CA ASP B 368 -31.33 5.61 -11.73
C ASP B 368 -30.37 5.83 -10.56
N TYR B 369 -29.28 6.52 -10.83
CA TYR B 369 -28.20 6.67 -9.89
C TYR B 369 -28.45 7.75 -8.85
N ASN B 370 -29.45 8.61 -9.03
CA ASN B 370 -29.84 9.47 -7.92
C ASN B 370 -30.56 8.67 -6.84
N LYS B 371 -31.34 7.66 -7.23
CA LYS B 371 -31.94 6.77 -6.24
C LYS B 371 -30.87 6.05 -5.43
N CYS B 372 -29.82 5.57 -6.09
CA CYS B 372 -28.73 4.93 -5.37
C CYS B 372 -28.14 5.88 -4.34
N LEU B 373 -27.74 7.09 -4.78
CA LEU B 373 -27.10 8.00 -3.84
C LEU B 373 -28.02 8.38 -2.69
N GLY B 374 -29.33 8.48 -2.95
CA GLY B 374 -30.27 8.81 -1.87
C GLY B 374 -30.25 7.81 -0.72
N TYR B 375 -29.88 6.56 -0.99
CA TYR B 375 -29.85 5.55 0.07
C TYR B 375 -28.63 5.69 0.96
N TRP B 376 -27.61 6.42 0.52
CA TRP B 376 -26.35 6.47 1.28
C TRP B 376 -26.49 7.28 2.57
N PRO B 377 -27.10 8.48 2.57
CA PRO B 377 -27.37 9.14 3.86
C PRO B 377 -28.32 8.35 4.74
N GLU B 378 -29.28 7.64 4.15
N GLU B 378 -29.28 7.65 4.13
CA GLU B 378 -30.24 6.88 4.95
CA GLU B 378 -30.25 6.87 4.90
C GLU B 378 -29.56 5.72 5.66
C GLU B 378 -29.55 5.74 5.66
N SER B 379 -28.62 5.06 4.99
CA SER B 379 -27.96 3.89 5.55
C SER B 379 -26.64 4.23 6.22
N GLY B 380 -26.12 5.43 6.01
CA GLY B 380 -24.88 5.82 6.66
C GLY B 380 -23.64 5.18 6.08
N GLY B 381 -23.64 4.82 4.81
CA GLY B 381 -22.52 4.13 4.20
C GLY B 381 -22.50 4.30 2.70
N TYR B 382 -21.86 3.35 2.02
CA TYR B 382 -21.78 3.34 0.55
C TYR B 382 -22.49 2.13 -0.04
N CYS B 383 -23.44 1.56 0.72
CA CYS B 383 -24.25 0.41 0.33
C CYS B 383 -23.37 -0.74 -0.19
N GLY B 384 -23.49 -1.07 -1.47
CA GLY B 384 -22.80 -2.22 -2.03
C GLY B 384 -23.60 -3.50 -2.05
N VAL B 385 -24.91 -3.45 -1.77
CA VAL B 385 -25.72 -4.66 -1.73
C VAL B 385 -25.71 -5.36 -3.08
N CYS B 386 -25.78 -4.60 -4.17
CA CYS B 386 -25.77 -5.18 -5.50
C CYS B 386 -24.52 -6.02 -5.71
N VAL B 387 -23.35 -5.48 -5.32
CA VAL B 387 -22.10 -6.24 -5.40
C VAL B 387 -22.19 -7.48 -4.49
N ALA B 388 -22.74 -7.31 -3.28
CA ALA B 388 -22.77 -8.40 -2.31
C ALA B 388 -23.63 -9.57 -2.77
N VAL B 389 -24.74 -9.31 -3.45
CA VAL B 389 -25.66 -10.40 -3.80
C VAL B 389 -25.41 -11.01 -5.16
N CYS B 390 -24.50 -10.43 -5.96
CA CYS B 390 -24.30 -10.91 -7.33
C CYS B 390 -23.72 -12.32 -7.30
N PRO B 391 -24.30 -13.28 -8.04
CA PRO B 391 -23.72 -14.62 -8.03
C PRO B 391 -22.26 -14.66 -8.43
N PHE B 392 -21.80 -13.72 -9.26
CA PHE B 392 -20.40 -13.70 -9.66
C PHE B 392 -19.46 -13.31 -8.54
N THR B 393 -19.98 -12.69 -7.47
CA THR B 393 -19.13 -12.32 -6.35
C THR B 393 -18.72 -13.56 -5.54
N LYS B 394 -19.53 -14.61 -5.57
CA LYS B 394 -19.21 -15.82 -4.80
C LYS B 394 -18.45 -16.80 -5.67
N ASN B 431 -22.39 -12.32 10.74
CA ASN B 431 -22.57 -10.93 11.12
C ASN B 431 -21.23 -10.22 11.28
N ILE B 432 -21.27 -8.97 11.73
CA ILE B 432 -20.04 -8.17 11.74
C ILE B 432 -19.10 -8.59 12.87
N THR B 433 -19.62 -9.01 14.02
CA THR B 433 -18.76 -9.60 15.05
C THR B 433 -17.97 -10.77 14.49
N GLU B 434 -18.63 -11.63 13.71
CA GLU B 434 -17.95 -12.78 13.13
C GLU B 434 -16.89 -12.36 12.11
N VAL B 435 -17.11 -11.24 11.41
CA VAL B 435 -16.08 -10.73 10.50
C VAL B 435 -14.86 -10.27 11.29
N TRP B 436 -15.08 -9.47 12.34
CA TRP B 436 -13.97 -9.01 13.18
C TRP B 436 -13.24 -10.16 13.84
N ASP B 437 -13.94 -11.25 14.17
CA ASP B 437 -13.30 -12.38 14.82
C ASP B 437 -12.83 -13.44 13.83
N GLY B 438 -13.01 -13.22 12.53
CA GLY B 438 -12.86 -14.26 11.54
C GLY B 438 -11.60 -14.11 10.71
N LYS B 439 -11.62 -14.76 9.55
CA LYS B 439 -10.46 -14.86 8.67
C LYS B 439 -10.07 -13.50 8.09
N ILE B 440 -8.76 -13.22 8.07
CA ILE B 440 -8.23 -12.05 7.39
C ILE B 440 -6.78 -12.36 7.01
N ASN B 441 -6.27 -11.59 6.06
CA ASN B 441 -4.90 -11.76 5.58
C ASN B 441 -4.51 -10.41 4.97
N THR B 442 -3.28 -10.33 4.48
CA THR B 442 -2.71 -9.03 4.11
C THR B 442 -3.53 -8.32 3.04
N TYR B 443 -3.82 -7.04 3.27
CA TYR B 443 -4.67 -6.21 2.41
C TYR B 443 -6.07 -6.80 2.21
N GLY B 444 -6.51 -7.70 3.09
CA GLY B 444 -7.80 -8.34 2.91
C GLY B 444 -7.85 -9.40 1.83
N LEU B 445 -6.71 -9.76 1.25
CA LEU B 445 -6.70 -10.79 0.22
C LEU B 445 -6.90 -12.16 0.87
N ASP B 446 -7.35 -13.12 0.06
CA ASP B 446 -7.77 -14.44 0.52
C ASP B 446 -6.84 -15.50 -0.07
N ALA B 447 -6.10 -16.17 0.80
CA ALA B 447 -5.13 -17.17 0.32
C ALA B 447 -5.80 -18.37 -0.30
N ASP B 448 -7.10 -18.58 -0.04
CA ASP B 448 -7.83 -19.65 -0.71
C ASP B 448 -7.95 -19.42 -2.21
N HIS B 449 -7.84 -18.16 -2.66
CA HIS B 449 -8.05 -17.81 -4.06
C HIS B 449 -6.88 -17.05 -4.68
N PHE B 450 -5.91 -16.61 -3.89
CA PHE B 450 -4.82 -15.78 -4.37
C PHE B 450 -4.02 -16.43 -5.52
N ARG B 451 -4.02 -17.76 -5.63
CA ARG B 451 -3.33 -18.39 -6.74
C ARG B 451 -3.92 -17.99 -8.09
N ASP B 452 -5.20 -17.62 -8.11
CA ASP B 452 -5.85 -17.29 -9.37
C ASP B 452 -5.26 -16.04 -10.03
N THR B 453 -4.54 -15.20 -9.29
CA THR B 453 -3.94 -14.01 -9.90
C THR B 453 -2.42 -14.14 -10.06
N VAL B 454 -1.86 -15.34 -9.92
CA VAL B 454 -0.45 -15.52 -10.23
C VAL B 454 -0.21 -15.19 -11.71
N SER B 455 1.00 -14.71 -12.02
CA SER B 455 1.27 -14.21 -13.36
C SER B 455 2.67 -14.62 -13.80
N PHE B 456 2.77 -15.17 -15.01
CA PHE B 456 4.04 -15.41 -15.70
C PHE B 456 4.02 -14.63 -17.01
N ARG B 457 5.18 -14.54 -17.68
CA ARG B 457 5.24 -13.75 -18.92
C ARG B 457 4.19 -14.22 -19.93
N LYS B 458 3.99 -15.52 -20.03
CA LYS B 458 2.98 -16.17 -20.87
C LYS B 458 1.63 -15.45 -20.86
N ASP B 459 1.18 -15.07 -19.66
CA ASP B 459 -0.13 -14.44 -19.51
C ASP B 459 -0.05 -12.92 -19.44
N ARG B 460 1.14 -12.34 -19.47
CA ARG B 460 1.27 -10.88 -19.52
C ARG B 460 1.31 -10.34 -20.95
N VAL B 461 1.89 -11.09 -21.88
CA VAL B 461 1.97 -10.61 -23.26
C VAL B 461 2.21 -11.77 -24.21
FE1 SF4 C . 21.23 -16.55 8.47
FE2 SF4 C . 22.33 -16.72 10.97
FE3 SF4 C . 23.75 -15.51 8.98
FE4 SF4 C . 23.32 -18.23 8.90
S1 SF4 C . 24.54 -17.05 10.49
S2 SF4 C . 23.13 -16.75 7.20
S3 SF4 C . 21.26 -18.40 9.83
S4 SF4 C . 21.78 -14.79 9.86
FE1 SF4 D . 25.66 -6.66 1.90
FE2 SF4 D . 24.63 -7.60 4.22
FE3 SF4 D . 25.83 -5.18 4.15
FE4 SF4 D . 27.33 -7.39 3.92
S1 SF4 D . 26.08 -6.74 5.78
S2 SF4 D . 27.53 -5.55 2.61
S3 SF4 D . 25.95 -8.75 2.74
S4 SF4 D . 23.90 -5.73 3.09
CO 9QQ E . 19.34 -1.49 7.65
N21 9QQ E . 17.77 -2.45 8.09
N22 9QQ E . 19.81 -2.87 6.41
N23 9QQ E . 21.03 -0.60 7.65
N24 9QQ E . 18.68 -0.26 8.92
C1 9QQ E . 17.03 -2.04 9.27
C20 9QQ E . 17.75 -2.62 10.48
C2 9QQ E . 15.58 -2.61 9.04
C25 9QQ E . 14.80 -2.94 10.34
C26 9QQ E . 14.81 -1.59 8.17
C27 9QQ E . 13.40 -1.99 7.70
O28 9QQ E . 12.99 -3.16 7.80
N29 9QQ E . 12.64 -1.01 7.22
C3 9QQ E . 15.87 -3.85 8.11
C30 9QQ E . 15.94 -5.21 8.82
C31 9QQ E . 14.62 -5.98 8.80
C32 9QQ E . 14.64 -7.19 9.71
O34 9QQ E . 15.14 -7.14 10.83
N33 9QQ E . 14.07 -8.29 9.20
C4 9QQ E . 17.18 -3.44 7.47
C5 9QQ E . 17.76 -4.12 6.22
C35 9QQ E . 16.86 -5.21 5.66
C6 9QQ E . 19.02 -3.80 5.72
C7 9QQ E . 19.79 -4.42 4.56
C36 9QQ E . 19.60 -5.91 4.19
C37 9QQ E . 19.67 -3.55 3.29
C38 9QQ E . 18.40 -3.77 2.47
O39 9QQ E . 17.30 -3.68 3.03
N40 9QQ E . 18.53 -4.04 1.19
C8 9QQ E . 21.24 -4.20 5.06
C41 9QQ E . 21.87 -5.33 5.91
C42 9QQ E . 21.28 -5.51 7.31
C43 9QQ E . 22.26 -5.97 8.37
O44 9QQ E . 22.29 -5.42 9.47
N45 9QQ E . 23.04 -6.98 8.05
C9 9QQ E . 21.06 -2.95 5.89
C10 9QQ E . 22.16 -2.10 6.12
C11 9QQ E . 22.11 -0.97 6.93
C12 9QQ E . 23.33 -0.09 7.15
C46 9QQ E . 23.75 0.61 5.85
C47 9QQ E . 24.48 -0.98 7.65
C13 9QQ E . 22.85 0.99 8.15
C48 9QQ E . 23.78 1.19 9.36
C49 9QQ E . 23.43 0.39 10.63
C50 9QQ E . 24.07 0.99 11.88
O51 9QQ E . 24.65 2.08 11.83
N52 9QQ E . 23.94 0.28 12.99
C14 9QQ E . 21.36 0.54 8.44
C15 9QQ E . 20.52 1.28 9.25
C53 9QQ E . 20.96 2.58 9.86
C16 9QQ E . 19.13 0.80 9.55
C17 9QQ E . 18.10 1.48 10.46
C54 9QQ E . 17.51 2.71 9.75
C55 9QQ E . 18.55 1.87 11.90
C56 9QQ E . 19.27 0.76 12.67
C57 9QQ E . 19.87 1.32 13.94
O58 9QQ E . 19.26 2.15 14.62
N59 9QQ E . 21.07 0.88 14.27
C18 9QQ E . 17.08 0.33 10.59
C60 9QQ E . 15.64 0.76 10.93
C61 9QQ E . 15.47 0.95 12.42
O63 9QQ E . 15.78 0.04 13.22
N62 9QQ E . 15.00 2.12 12.82
C19 9QQ E . 17.24 -0.48 9.29
C1P 9QQ E . 21.81 1.38 15.43
C2P 9QQ E . 22.12 0.28 16.47
O3 9QQ E . 23.01 -0.63 15.88
O4 9QQ E . 23.41 -1.81 18.14
O5 9QQ E . 24.59 -2.54 15.98
P 9QQ E . 23.38 -1.99 16.67
O2 9QQ E . 22.11 -2.90 16.28
C3R 9QQ E . 21.86 -3.42 14.99
C2R 9QQ E . 21.52 -4.90 14.97
O7R 9QQ E . 22.36 -5.60 15.87
C1R 9QQ E . 20.04 -4.86 15.37
O6R 9QQ E . 19.51 -3.66 14.81
C4R 9QQ E . 20.59 -2.79 14.41
C5R 9QQ E . 20.58 -2.65 12.91
O8R 9QQ E . 21.59 -1.75 12.44
N1B 9QQ E . 19.78 -4.81 16.81
C8B 9QQ E . 19.87 -5.85 17.70
C2B 9QQ E . 19.23 -3.76 17.50
N3B 9QQ E . 18.97 -4.03 18.75
C9B 9QQ E . 19.35 -5.36 18.90
C4B 9QQ E . 19.32 -6.18 20.02
C5B 9QQ E . 19.81 -7.49 19.95
C6B 9QQ E . 20.33 -7.97 18.72
C7B 9QQ E . 20.35 -7.15 17.60
O6M 9QQ E . 20.81 -9.26 18.63
C1 BEN F . 25.67 14.89 7.23
C2 BEN F . 25.87 16.20 6.80
C3 BEN F . 27.16 16.73 6.75
C4 BEN F . 28.24 15.95 7.15
C5 BEN F . 28.03 14.65 7.58
C6 BEN F . 26.75 14.12 7.63
C BEN F . 24.37 14.38 7.27
N1 BEN F . 23.33 15.11 6.95
N2 BEN F . 24.16 13.13 7.64
C1 GOL G . -1.07 11.65 3.42
O1 GOL G . -0.98 12.71 2.49
C2 GOL G . -0.94 12.19 4.83
O2 GOL G . -2.09 12.96 5.11
C3 GOL G . 0.31 13.05 4.91
O3 GOL G . 0.55 13.45 6.23
C1 GOL H . 25.26 -17.70 22.53
O1 GOL H . 25.08 -17.95 23.91
C2 GOL H . 26.56 -16.94 22.32
O2 GOL H . 26.45 -15.67 22.91
C3 GOL H . 26.86 -16.79 20.82
O3 GOL H . 28.08 -16.10 20.68
C1 GOL I . 13.43 -25.78 20.83
O1 GOL I . 14.16 -26.96 20.49
C2 GOL I . 14.22 -24.59 20.31
O2 GOL I . 15.12 -25.07 19.35
C3 GOL I . 14.96 -23.94 21.47
O3 GOL I . 15.93 -23.02 21.01
FE1 SF4 J . -25.05 -9.85 -10.96
FE2 SF4 J . -26.09 -9.49 -13.44
FE3 SF4 J . -27.24 -8.22 -11.32
FE4 SF4 J . -27.50 -10.95 -11.56
S1 SF4 J . -28.29 -9.32 -12.98
S2 SF4 J . -26.97 -9.83 -9.68
S3 SF4 J . -25.47 -11.48 -12.47
S4 SF4 J . -25.13 -7.89 -12.11
FE1 SF4 K . -27.13 -0.18 -3.05
FE2 SF4 K . -26.26 -0.99 -5.52
FE3 SF4 K . -26.85 1.58 -5.03
FE4 SF4 K . -28.87 -0.19 -5.13
S1 SF4 K . -27.53 0.36 -6.87
S2 SF4 K . -28.63 1.46 -3.60
S3 SF4 K . -27.87 -2.01 -4.20
S4 SF4 K . -25.15 0.45 -4.11
CO 9QQ L . -19.66 4.09 -8.17
N21 9QQ L . -18.38 2.85 -8.77
N22 9QQ L . -20.49 2.69 -7.17
N23 9QQ L . -21.11 5.35 -8.06
N24 9QQ L . -18.73 5.27 -9.31
C1 9QQ L . -17.55 3.24 -9.91
C20 9QQ L . -18.35 2.98 -11.17
C2 9QQ L . -16.27 2.32 -9.79
C25 9QQ L . -15.62 2.03 -11.15
C26 9QQ L . -15.25 3.01 -8.82
C27 9QQ L . -14.00 2.21 -8.46
O28 9QQ L . -13.89 0.99 -8.71
N29 9QQ L . -13.05 2.90 -7.85
C3 9QQ L . -16.87 1.07 -9.05
C30 9QQ L . -17.20 -0.08 -10.01
C31 9QQ L . -16.15 -1.20 -10.00
C32 9QQ L . -16.43 -2.25 -11.05
O34 9QQ L . -16.91 -1.95 -12.15
N33 9QQ L . -16.14 -3.50 -10.71
C4 9QQ L . -18.04 1.68 -8.31
C5 9QQ L . -18.73 1.00 -7.16
C35 9QQ L . -18.02 -0.26 -6.77
C6 9QQ L . -19.90 1.54 -6.63
C7 9QQ L . -20.80 0.98 -5.52
C36 9QQ L . -20.89 -0.56 -5.40
C37 9QQ L . -20.51 1.64 -4.17
C38 9QQ L . -19.33 1.02 -3.39
O39 9QQ L . -18.22 0.94 -3.92
N40 9QQ L . -19.57 0.64 -2.14
C8 9QQ L . -22.17 1.54 -6.00
C41 9QQ L . -22.75 0.60 -7.08
C42 9QQ L . -23.86 1.20 -7.93
C43 9QQ L . -23.99 0.53 -9.28
O44 9QQ L . -23.35 0.94 -10.26
N45 9QQ L . -24.82 -0.48 -9.33
C9 9QQ L . -21.73 2.82 -6.66
C10 9QQ L . -22.58 3.93 -6.75
C11 9QQ L . -22.27 5.11 -7.39
C12 9QQ L . -23.26 6.25 -7.46
C46 9QQ L . -23.57 6.82 -6.07
C47 9QQ L . -24.56 5.72 -8.07
C13 9QQ L . -22.51 7.33 -8.30
C48 9QQ L . -23.38 7.92 -9.43
C49 9QQ L . -23.23 7.28 -10.81
C50 9QQ L . -23.70 8.18 -11.94
O51 9QQ L . -23.97 9.37 -11.74
N52 9QQ L . -23.76 7.62 -13.13
C14 9QQ L . -21.16 6.62 -8.69
C15 9QQ L . -20.16 7.23 -9.42
C53 9QQ L . -20.29 8.67 -9.86
C16 9QQ L . -18.92 6.47 -9.80
C17 9QQ L . -17.76 6.98 -10.65
C54 9QQ L . -16.89 7.92 -9.78
C55 9QQ L . -18.10 7.68 -12.01
C56 9QQ L . -19.10 6.91 -12.86
C57 9QQ L . -19.54 7.72 -14.05
O58 9QQ L . -18.75 8.46 -14.65
N59 9QQ L . -20.80 7.61 -14.40
C18 9QQ L . -17.06 5.65 -10.97
C60 9QQ L . -15.55 5.78 -11.26
C61 9QQ L . -15.29 6.13 -12.71
O63 9QQ L . -15.77 5.45 -13.62
N62 9QQ L . -14.54 7.21 -12.93
C19 9QQ L . -17.38 4.79 -9.74
C1P 9QQ L . -21.42 8.43 -15.43
C2P 9QQ L . -21.91 7.59 -16.64
O3 9QQ L . -22.98 6.79 -16.20
O4 9QQ L . -23.61 6.03 -18.57
O5 9QQ L . -24.91 5.23 -16.48
P 9QQ L . -23.63 5.69 -17.13
O2 9QQ L . -22.61 4.46 -16.86
C3R 9QQ L . -22.53 3.73 -15.66
C2R 9QQ L . -22.53 2.21 -15.85
O7R 9QQ L . -23.44 1.84 -16.88
C1R 9QQ L . -21.07 1.97 -16.24
O6R 9QQ L . -20.32 2.93 -15.53
C4R 9QQ L . -21.16 3.99 -15.03
C5R 9QQ L . -21.16 3.96 -13.52
O8R 9QQ L . -21.94 5.01 -12.96
N1B 9QQ L . -20.78 2.13 -17.67
C8B 9QQ L . -21.09 1.24 -18.68
C2B 9QQ L . -20.01 3.11 -18.24
N3B 9QQ L . -19.80 2.93 -19.52
C9B 9QQ L . -20.47 1.75 -19.82
C4B 9QQ L . -20.63 1.08 -21.03
C5B 9QQ L . -21.40 -0.07 -21.10
C6B 9QQ L . -22.04 -0.57 -19.93
C7B 9QQ L . -21.86 0.09 -18.72
O6M 9QQ L . -22.86 -1.66 -19.99
C1 GOL M . 3.27 11.54 -2.72
O1 GOL M . 3.50 12.42 -1.64
C2 GOL M . 3.43 12.32 -4.01
O2 GOL M . 4.76 12.81 -4.12
C3 GOL M . 2.45 13.49 -3.98
O3 GOL M . 2.21 13.96 -5.31
#